data_4DIK
#
_entry.id   4DIK
#
_cell.length_a   55.219
_cell.length_b   96.007
_cell.length_c   90.331
_cell.angle_alpha   90.00
_cell.angle_beta   95.81
_cell.angle_gamma   90.00
#
_symmetry.space_group_name_H-M   'P 1 21 1'
#
loop_
_entity.id
_entity.type
_entity.pdbx_description
1 polymer FLAVOPROTEIN
2 non-polymer 'CHLORIDE ION'
3 non-polymer MU-OXO-DIIRON
4 water water
#
_entity_poly.entity_id   1
_entity_poly.type   'polypeptide(L)'
_entity_poly.pdbx_seq_one_letter_code
;MGSDKIHHHHHHMPKIWTERIFDDPEIYVLRIDDDRIRYFEAVWEIPEGISYNAYLVKLNGANVLIDGWKGNYAKEFIDA
LSKIVDPKEITHIIVNHTEPDASGSLPATLKTIGHDVEIIASNFGKRLLEGFYGIKDVTVVKDGEEREIGGKKFKFVMTP
WLHWPDTMVTYLDGILFSCDVGGGYLLPEILDDSNESVVERYLPHVTKYIVTVIGHYKNYILEGAEKLSSLKIKALLPGH
GLIWKKDPQRLLNHYVSVAKGDPKKGKVTVIYDSMYGFVENVMKKAIDSLKEKGFTPVVYKFSDEERPAISEILKDIPDS
EALIFGVSTYEAEIHPLMRFTLLEIIDKANYEKPVLVFGVHGWAPSAERTAGELLKETKFRILSFTEIKGSNMDERKIEE
AISLLKKELE
;
_entity_poly.pdbx_strand_id   A,B
#
loop_
_chem_comp.id
_chem_comp.type
_chem_comp.name
_chem_comp.formula
CL non-polymer 'CHLORIDE ION' 'Cl -1'
FEO non-polymer MU-OXO-DIIRON 'Fe2 O'
#
# COMPACT_ATOMS: atom_id res chain seq x y z
N HIS A 9 11.35 -15.44 11.71
CA HIS A 9 11.59 -15.84 13.11
C HIS A 9 12.97 -15.35 13.55
N HIS A 10 13.03 -14.76 14.73
CA HIS A 10 14.31 -14.23 15.21
C HIS A 10 14.99 -15.18 16.16
N HIS A 11 16.24 -15.53 15.85
CA HIS A 11 16.97 -16.52 16.62
C HIS A 11 17.60 -15.92 17.88
N HIS A 12 17.75 -14.60 17.90
CA HIS A 12 18.36 -13.93 19.04
C HIS A 12 17.60 -12.69 19.50
N MET A 13 17.78 -12.34 20.77
CA MET A 13 17.26 -11.11 21.32
C MET A 13 17.91 -9.91 20.63
N PRO A 14 17.19 -8.78 20.54
CA PRO A 14 17.79 -7.57 19.95
C PRO A 14 19.11 -7.18 20.61
N LYS A 15 20.08 -6.80 19.80
CA LYS A 15 21.37 -6.35 20.30
C LYS A 15 21.22 -5.08 21.14
N ILE A 16 21.87 -5.07 22.31
CA ILE A 16 21.86 -3.89 23.16
C ILE A 16 23.29 -3.39 23.32
N TRP A 17 23.49 -2.08 23.18
CA TRP A 17 24.79 -1.48 23.41
C TRP A 17 24.68 -0.60 24.65
N THR A 18 25.65 -0.70 25.54
CA THR A 18 25.72 0.21 26.67
C THR A 18 27.17 0.59 26.84
N GLU A 19 27.49 1.87 26.67
CA GLU A 19 28.88 2.27 26.58
C GLU A 19 29.10 3.72 26.97
N ARG A 20 30.16 3.99 27.73
CA ARG A 20 30.53 5.37 28.00
C ARG A 20 31.15 5.95 26.75
N ILE A 21 30.57 7.03 26.25
CA ILE A 21 31.06 7.66 25.04
C ILE A 21 31.74 9.01 25.25
N PHE A 22 31.63 9.54 26.45
CA PHE A 22 32.39 10.73 26.87
C PHE A 22 32.82 10.60 28.32
N ASP A 23 33.99 11.13 28.63
CA ASP A 23 34.47 11.16 30.00
C ASP A 23 34.01 12.38 30.75
N ASP A 24 34.08 13.54 30.10
CA ASP A 24 33.62 14.78 30.71
C ASP A 24 32.81 15.63 29.72
N PRO A 25 31.48 15.69 29.89
CA PRO A 25 30.70 15.05 30.97
C PRO A 25 30.74 13.53 30.80
N GLU A 26 30.48 12.80 31.88
CA GLU A 26 30.45 11.36 31.81
C GLU A 26 29.10 10.96 31.20
N ILE A 27 29.13 10.51 29.96
CA ILE A 27 27.90 10.24 29.19
C ILE A 27 27.89 8.81 28.68
N TYR A 28 26.78 8.11 28.90
CA TYR A 28 26.61 6.78 28.36
C TYR A 28 25.52 6.78 27.30
N VAL A 29 25.69 5.97 26.27
CA VAL A 29 24.58 5.68 25.36
C VAL A 29 23.98 4.34 25.78
N LEU A 30 22.66 4.26 25.74
CA LEU A 30 21.96 2.99 25.82
C LEU A 30 21.21 2.84 24.50
N ARG A 31 21.66 1.90 23.68
CA ARG A 31 21.09 1.69 22.35
C ARG A 31 20.59 0.25 22.18
N ILE A 32 19.35 0.11 21.71
CA ILE A 32 18.84 -1.21 21.36
C ILE A 32 18.55 -1.24 19.85
N ASP A 33 18.90 -2.34 19.22
CA ASP A 33 18.75 -2.46 17.77
C ASP A 33 17.46 -3.19 17.44
N ASP A 34 16.45 -2.43 17.00
CA ASP A 34 15.15 -3.04 16.72
C ASP A 34 15.18 -3.69 15.34
N ASP A 35 15.36 -5.01 15.33
CA ASP A 35 15.29 -5.79 14.10
C ASP A 35 13.99 -6.59 14.02
N ARG A 36 13.09 -6.33 14.98
CA ARG A 36 11.75 -6.89 14.99
C ARG A 36 10.80 -6.09 14.11
N ILE A 37 10.87 -4.78 14.25
CA ILE A 37 9.97 -3.85 13.56
C ILE A 37 10.14 -3.99 12.07
N ARG A 38 9.03 -3.91 11.34
CA ARG A 38 9.08 -4.03 9.89
C ARG A 38 8.63 -2.76 9.21
N TYR A 39 7.73 -2.03 9.85
CA TYR A 39 7.10 -0.86 9.26
C TYR A 39 7.12 0.29 10.25
N PHE A 40 7.96 1.29 9.99
CA PHE A 40 8.09 2.37 10.95
C PHE A 40 6.83 3.24 10.90
N GLU A 41 6.33 3.62 12.08
CA GLU A 41 5.06 4.33 12.19
C GLU A 41 3.93 3.48 11.59
N ALA A 42 4.16 2.17 11.51
CA ALA A 42 3.24 1.21 10.91
C ALA A 42 3.02 1.43 9.42
N VAL A 43 3.96 2.11 8.74
CA VAL A 43 3.82 2.34 7.29
C VAL A 43 5.13 2.17 6.50
N TRP A 44 6.23 2.69 7.02
CA TRP A 44 7.44 2.73 6.18
C TRP A 44 8.25 1.46 6.28
N GLU A 45 8.40 0.77 5.15
CA GLU A 45 9.13 -0.48 5.08
C GLU A 45 10.60 -0.27 5.44
N ILE A 46 11.02 -0.86 6.56
CA ILE A 46 12.42 -0.79 6.99
C ILE A 46 12.98 -2.18 7.33
N PRO A 47 13.26 -2.97 6.29
CA PRO A 47 13.90 -4.27 6.53
C PRO A 47 15.26 -4.10 7.23
N GLU A 48 15.87 -2.94 7.09
CA GLU A 48 17.14 -2.64 7.76
C GLU A 48 17.03 -2.37 9.27
N GLY A 49 15.81 -2.20 9.78
CA GLY A 49 15.65 -1.94 11.21
C GLY A 49 15.95 -0.50 11.60
N ILE A 50 15.85 -0.22 12.89
CA ILE A 50 16.13 1.12 13.44
C ILE A 50 16.61 0.95 14.87
N SER A 51 17.50 1.82 15.33
CA SER A 51 17.91 1.76 16.74
C SER A 51 17.12 2.77 17.57
N TYR A 52 16.98 2.51 18.86
CA TYR A 52 16.51 3.53 19.81
C TYR A 52 17.65 3.85 20.77
N ASN A 53 18.05 5.13 20.80
CA ASN A 53 19.20 5.56 21.56
C ASN A 53 18.75 6.48 22.68
N ALA A 54 19.05 6.09 23.92
CA ALA A 54 18.86 6.96 25.06
C ALA A 54 20.22 7.19 25.68
N TYR A 55 20.30 8.15 26.59
CA TYR A 55 21.58 8.58 27.13
C TYR A 55 21.50 8.80 28.64
N LEU A 56 22.60 8.53 29.33
CA LEU A 56 22.66 8.84 30.74
C LEU A 56 23.85 9.74 31.00
N VAL A 57 23.61 10.86 31.65
CA VAL A 57 24.69 11.77 32.03
C VAL A 57 24.89 11.71 33.54
N LYS A 58 26.05 11.26 33.99
CA LYS A 58 26.32 11.15 35.41
C LYS A 58 27.11 12.39 35.83
N LEU A 59 26.53 13.19 36.71
CA LEU A 59 27.13 14.47 37.10
C LEU A 59 27.39 14.51 38.59
N ASN A 60 27.81 15.69 39.05
CA ASN A 60 28.13 15.91 40.45
C ASN A 60 26.87 16.34 41.17
N GLY A 61 26.19 15.40 41.83
CA GLY A 61 24.94 15.69 42.52
C GLY A 61 23.68 15.45 41.67
N ALA A 62 23.90 14.94 40.47
CA ALA A 62 22.76 14.65 39.58
C ALA A 62 23.07 13.53 38.61
N ASN A 63 22.02 12.77 38.26
CA ASN A 63 22.12 11.76 37.22
C ASN A 63 20.93 11.98 36.30
N VAL A 64 21.22 12.29 35.03
CA VAL A 64 20.20 12.73 34.10
C VAL A 64 20.00 11.73 33.00
N LEU A 65 18.78 11.20 32.91
CA LEU A 65 18.44 10.30 31.81
C LEU A 65 17.88 11.13 30.68
N ILE A 66 18.33 10.85 29.44
CA ILE A 66 17.83 11.58 28.30
C ILE A 66 17.18 10.62 27.29
N ASP A 67 15.87 10.80 27.14
CA ASP A 67 15.01 9.94 26.29
C ASP A 67 15.00 8.48 26.74
N GLY A 68 14.51 7.57 25.89
CA GLY A 68 14.35 6.19 26.30
C GLY A 68 14.15 5.28 25.10
N TRP A 69 13.48 4.17 25.33
CA TRP A 69 13.21 3.18 24.29
C TRP A 69 11.74 2.93 24.08
N LYS A 70 11.39 2.36 22.92
CA LYS A 70 10.03 1.95 22.63
C LYS A 70 9.47 1.01 23.72
N GLY A 71 8.18 1.12 23.98
CA GLY A 71 7.57 0.43 25.12
C GLY A 71 7.66 -1.08 25.17
N ASN A 72 7.71 -1.76 24.02
CA ASN A 72 7.84 -3.22 24.01
C ASN A 72 9.22 -3.67 24.51
N TYR A 73 10.13 -2.73 24.70
CA TYR A 73 11.47 -3.04 25.18
C TYR A 73 11.73 -2.39 26.54
N ALA A 74 10.66 -2.05 27.26
CA ALA A 74 10.76 -1.42 28.58
C ALA A 74 11.63 -2.21 29.54
N LYS A 75 11.33 -3.51 29.64
CA LYS A 75 12.02 -4.39 30.58
C LYS A 75 13.50 -4.45 30.26
N GLU A 76 13.83 -4.57 28.98
CA GLU A 76 15.22 -4.55 28.54
C GLU A 76 15.90 -3.22 28.86
N PHE A 77 15.15 -2.13 28.75
CA PHE A 77 15.71 -0.81 29.02
C PHE A 77 16.09 -0.69 30.50
N ILE A 78 15.19 -1.07 31.38
CA ILE A 78 15.49 -1.01 32.81
C ILE A 78 16.69 -1.88 33.18
N ASP A 79 16.74 -3.10 32.64
CA ASP A 79 17.88 -3.98 32.85
CA ASP A 79 17.88 -3.98 32.90
C ASP A 79 19.18 -3.31 32.41
N ALA A 80 19.18 -2.78 31.20
CA ALA A 80 20.37 -2.11 30.67
C ALA A 80 20.78 -0.93 31.55
N LEU A 81 19.81 -0.10 31.90
CA LEU A 81 20.07 1.13 32.65
C LEU A 81 20.69 0.79 34.01
N SER A 82 20.15 -0.23 34.65
CA SER A 82 20.58 -0.66 35.99
C SER A 82 22.02 -1.16 36.00
N LYS A 83 22.60 -1.41 34.83
CA LYS A 83 23.97 -1.88 34.77
C LYS A 83 24.97 -0.74 34.84
N ILE A 84 24.49 0.48 34.61
CA ILE A 84 25.41 1.63 34.64
C ILE A 84 25.09 2.59 35.78
N VAL A 85 23.90 2.45 36.35
CA VAL A 85 23.51 3.29 37.47
C VAL A 85 22.38 2.66 38.26
N ASP A 86 22.39 2.87 39.58
CA ASP A 86 21.26 2.48 40.40
C ASP A 86 20.13 3.42 40.02
N PRO A 87 19.02 2.89 39.49
CA PRO A 87 17.92 3.75 39.04
C PRO A 87 17.40 4.67 40.14
N LYS A 88 17.54 4.25 41.40
CA LYS A 88 17.15 5.10 42.52
C LYS A 88 17.99 6.39 42.58
N GLU A 89 19.15 6.38 41.93
CA GLU A 89 20.07 7.52 41.93
CA GLU A 89 20.05 7.54 41.94
C GLU A 89 19.75 8.52 40.82
N ILE A 90 18.72 8.23 40.02
CA ILE A 90 18.36 9.17 38.96
C ILE A 90 17.62 10.37 39.53
N THR A 91 17.94 11.56 39.03
CA THR A 91 17.38 12.80 39.54
C THR A 91 16.56 13.58 38.52
N HIS A 92 16.88 13.40 37.25
CA HIS A 92 16.24 14.15 36.17
C HIS A 92 16.04 13.24 34.98
N ILE A 93 14.93 13.42 34.30
CA ILE A 93 14.72 12.77 33.01
C ILE A 93 14.40 13.86 31.99
N ILE A 94 15.21 13.97 30.94
CA ILE A 94 14.91 14.92 29.88
C ILE A 94 14.22 14.21 28.72
N VAL A 95 13.07 14.73 28.33
CA VAL A 95 12.26 14.16 27.26
C VAL A 95 12.27 15.15 26.09
N ASN A 96 13.17 14.90 25.13
CA ASN A 96 13.25 15.75 23.94
C ASN A 96 12.04 15.67 23.04
N HIS A 97 11.32 14.56 23.12
CA HIS A 97 10.26 14.26 22.16
C HIS A 97 9.48 13.11 22.80
N THR A 98 8.15 13.17 22.72
CA THR A 98 7.30 12.24 23.46
C THR A 98 6.78 11.03 22.65
N GLU A 99 7.13 10.94 21.36
CA GLU A 99 6.69 9.81 20.55
C GLU A 99 7.12 8.50 21.25
N PRO A 100 6.22 7.49 21.28
CA PRO A 100 6.49 6.28 22.06
C PRO A 100 7.71 5.47 21.67
N ASP A 101 8.33 5.71 20.51
CA ASP A 101 9.57 5.00 20.21
C ASP A 101 10.70 5.53 21.10
N ALA A 102 10.50 6.73 21.65
CA ALA A 102 11.46 7.36 22.57
C ALA A 102 10.95 7.32 24.00
N SER A 103 9.63 7.37 24.19
CA SER A 103 9.08 7.53 25.55
C SER A 103 8.36 6.31 26.13
N GLY A 104 8.22 5.26 25.34
CA GLY A 104 7.53 4.05 25.76
C GLY A 104 8.05 3.45 27.06
N SER A 105 9.35 3.57 27.29
CA SER A 105 9.94 3.02 28.51
C SER A 105 9.74 3.90 29.73
N LEU A 106 9.16 5.09 29.56
CA LEU A 106 9.11 6.05 30.67
C LEU A 106 8.29 5.63 31.91
N PRO A 107 7.06 5.12 31.71
CA PRO A 107 6.29 4.59 32.85
C PRO A 107 7.05 3.55 33.70
N ALA A 108 7.66 2.56 33.06
CA ALA A 108 8.44 1.56 33.80
C ALA A 108 9.69 2.18 34.42
N THR A 109 10.25 3.19 33.77
CA THR A 109 11.43 3.87 34.31
C THR A 109 11.04 4.61 35.58
N LEU A 110 9.96 5.38 35.53
CA LEU A 110 9.45 6.09 36.71
C LEU A 110 9.16 5.13 37.89
N LYS A 111 8.50 4.00 37.63
CA LYS A 111 8.22 3.03 38.69
C LYS A 111 9.46 2.44 39.35
N THR A 112 10.46 2.14 38.53
CA THR A 112 11.69 1.51 39.00
C THR A 112 12.52 2.48 39.84
N ILE A 113 12.53 3.75 39.45
CA ILE A 113 13.26 4.78 40.22
C ILE A 113 12.65 4.84 41.62
N GLY A 114 11.32 4.89 41.66
CA GLY A 114 10.58 4.69 42.89
C GLY A 114 10.39 5.94 43.74
N HIS A 115 10.91 7.06 43.26
CA HIS A 115 10.64 8.35 43.87
C HIS A 115 10.51 9.38 42.77
N ASP A 116 9.95 10.54 43.12
CA ASP A 116 9.83 11.65 42.17
C ASP A 116 11.18 12.08 41.64
N VAL A 117 11.19 12.47 40.36
CA VAL A 117 12.35 13.07 39.73
C VAL A 117 11.84 14.26 38.97
N GLU A 118 12.72 15.13 38.53
CA GLU A 118 12.26 16.25 37.73
C GLU A 118 12.22 15.82 36.27
N ILE A 119 11.06 15.89 35.66
CA ILE A 119 10.92 15.53 34.25
C ILE A 119 10.86 16.82 33.43
N ILE A 120 11.72 16.92 32.42
CA ILE A 120 11.83 18.16 31.66
C ILE A 120 11.40 17.96 30.22
N ALA A 121 10.51 18.83 29.74
CA ALA A 121 10.06 18.77 28.35
C ALA A 121 9.64 20.15 27.83
N SER A 122 9.31 20.21 26.55
CA SER A 122 8.75 21.43 25.97
C SER A 122 7.32 21.56 26.46
N ASN A 123 6.71 22.71 26.17
CA ASN A 123 5.31 22.94 26.53
C ASN A 123 4.42 21.85 25.95
N PHE A 124 4.53 21.61 24.64
CA PHE A 124 3.71 20.58 24.02
C PHE A 124 4.06 19.19 24.52
N GLY A 125 5.34 18.97 24.79
CA GLY A 125 5.78 17.72 25.38
C GLY A 125 5.10 17.42 26.70
N LYS A 126 4.97 18.43 27.56
CA LYS A 126 4.24 18.23 28.82
C LYS A 126 2.80 17.76 28.58
N ARG A 127 2.12 18.40 27.62
CA ARG A 127 0.71 18.06 27.34
C ARG A 127 0.60 16.62 26.85
N LEU A 128 1.54 16.22 26.00
CA LEU A 128 1.55 14.86 25.45
C LEU A 128 1.92 13.78 26.49
N LEU A 129 2.83 14.09 27.42
CA LEU A 129 3.14 13.11 28.46
C LEU A 129 1.91 12.87 29.34
N GLU A 130 1.12 13.92 29.53
CA GLU A 130 -0.14 13.77 30.24
C GLU A 130 -1.12 12.89 29.45
N GLY A 131 -1.29 13.19 28.16
CA GLY A 131 -2.22 12.43 27.33
C GLY A 131 -1.88 10.95 27.17
N PHE A 132 -0.60 10.66 26.95
CA PHE A 132 -0.16 9.28 26.73
C PHE A 132 -0.14 8.45 28.01
N TYR A 133 0.40 9.04 29.09
CA TYR A 133 0.77 8.25 30.26
C TYR A 133 0.16 8.71 31.58
N GLY A 134 -0.46 9.88 31.59
CA GLY A 134 -1.02 10.39 32.82
C GLY A 134 0.03 11.06 33.70
N ILE A 135 1.23 11.24 33.15
CA ILE A 135 2.28 11.96 33.88
C ILE A 135 1.94 13.44 33.98
N LYS A 136 1.87 13.95 35.20
CA LYS A 136 1.43 15.33 35.39
C LYS A 136 2.55 16.28 35.88
N ASP A 137 3.52 15.78 36.64
CA ASP A 137 4.52 16.68 37.20
C ASP A 137 5.71 16.88 36.26
N VAL A 138 5.57 17.82 35.34
CA VAL A 138 6.61 18.07 34.33
C VAL A 138 7.04 19.53 34.31
N THR A 139 8.35 19.76 34.31
CA THR A 139 8.90 21.11 34.13
C THR A 139 8.99 21.46 32.67
N VAL A 140 8.26 22.48 32.26
CA VAL A 140 8.32 22.97 30.89
C VAL A 140 9.54 23.87 30.75
N VAL A 141 10.35 23.64 29.71
CA VAL A 141 11.42 24.56 29.39
C VAL A 141 11.11 25.34 28.11
N LYS A 142 11.58 26.59 28.06
CA LYS A 142 11.31 27.46 26.92
C LYS A 142 12.51 27.52 25.98
N ASP A 143 12.29 28.09 24.80
CA ASP A 143 13.33 28.19 23.79
C ASP A 143 14.54 28.94 24.32
N GLY A 144 15.70 28.30 24.23
CA GLY A 144 16.96 28.88 24.71
C GLY A 144 17.15 28.91 26.22
N GLU A 145 16.18 28.39 26.96
CA GLU A 145 16.26 28.40 28.42
C GLU A 145 17.43 27.54 28.91
N GLU A 146 18.12 28.03 29.94
CA GLU A 146 19.24 27.31 30.49
C GLU A 146 18.88 26.84 31.89
N ARG A 147 19.52 25.77 32.33
CA ARG A 147 19.25 25.18 33.62
C ARG A 147 20.57 24.61 34.14
N GLU A 148 20.95 24.94 35.37
CA GLU A 148 22.15 24.37 35.95
C GLU A 148 21.81 23.09 36.67
N ILE A 149 22.43 21.99 36.25
CA ILE A 149 22.11 20.68 36.80
C ILE A 149 23.40 19.91 37.03
N GLY A 150 23.59 19.46 38.25
CA GLY A 150 24.79 18.70 38.58
C GLY A 150 26.07 19.45 38.27
N GLY A 151 26.00 20.79 38.30
CA GLY A 151 27.18 21.63 38.13
C GLY A 151 27.52 21.88 36.68
N LYS A 152 26.59 21.55 35.79
CA LYS A 152 26.77 21.82 34.38
C LYS A 152 25.59 22.59 33.86
N LYS A 153 25.79 23.31 32.76
CA LYS A 153 24.72 24.11 32.18
C LYS A 153 24.09 23.38 30.99
N PHE A 154 22.79 23.07 31.12
CA PHE A 154 22.01 22.52 30.03
C PHE A 154 21.27 23.66 29.33
N LYS A 155 21.17 23.58 28.01
CA LYS A 155 20.44 24.57 27.26
C LYS A 155 19.47 23.83 26.35
N PHE A 156 18.23 24.30 26.32
CA PHE A 156 17.18 23.64 25.55
C PHE A 156 16.74 24.51 24.38
N VAL A 157 16.74 23.91 23.19
CA VAL A 157 16.40 24.64 22.00
C VAL A 157 15.20 23.98 21.33
N MET A 158 14.14 24.76 21.10
CA MET A 158 12.93 24.25 20.51
C MET A 158 13.13 24.12 19.01
N THR A 159 12.76 22.96 18.47
CA THR A 159 12.84 22.76 17.03
C THR A 159 11.53 22.12 16.59
N PRO A 160 10.43 22.87 16.73
CA PRO A 160 9.10 22.29 16.45
C PRO A 160 8.95 21.84 15.00
N TRP A 161 8.15 20.80 14.82
CA TRP A 161 7.86 20.24 13.50
C TRP A 161 9.01 19.45 12.91
N LEU A 162 9.92 19.00 13.77
CA LEU A 162 10.94 18.03 13.36
C LEU A 162 10.89 16.77 14.19
N HIS A 163 9.76 16.09 14.22
CA HIS A 163 8.66 16.27 13.26
C HIS A 163 7.31 16.48 13.97
N TRP A 164 7.36 16.77 15.28
CA TRP A 164 6.16 17.04 16.07
C TRP A 164 6.26 18.41 16.70
N PRO A 165 5.12 18.93 17.21
CA PRO A 165 5.25 20.24 17.86
C PRO A 165 6.06 20.22 19.14
N ASP A 166 6.27 19.05 19.75
CA ASP A 166 6.93 18.99 21.05
C ASP A 166 8.46 18.90 20.95
N THR A 167 8.98 18.87 19.73
CA THR A 167 10.38 18.53 19.52
C THR A 167 11.34 19.63 20.01
N MET A 168 12.31 19.21 20.80
CA MET A 168 13.41 20.08 21.20
C MET A 168 14.73 19.30 21.22
N VAL A 169 15.84 20.03 21.38
CA VAL A 169 17.15 19.41 21.45
C VAL A 169 17.82 19.92 22.70
N THR A 170 18.64 19.06 23.30
CA THR A 170 19.28 19.40 24.57
C THR A 170 20.77 19.61 24.33
N TYR A 171 21.28 20.73 24.82
CA TYR A 171 22.65 21.13 24.57
C TYR A 171 23.44 21.12 25.88
N LEU A 172 24.58 20.41 25.88
CA LEU A 172 25.44 20.28 27.06
C LEU A 172 26.93 20.37 26.68
N ASP A 173 27.55 21.52 26.92
CA ASP A 173 29.00 21.64 26.70
C ASP A 173 29.40 21.34 25.25
N GLY A 174 28.57 21.73 24.29
CA GLY A 174 28.91 21.46 22.90
C GLY A 174 28.36 20.13 22.42
N ILE A 175 27.74 19.38 23.32
CA ILE A 175 27.17 18.07 22.95
C ILE A 175 25.66 18.17 22.82
N LEU A 176 25.15 17.83 21.63
CA LEU A 176 23.73 17.98 21.37
C LEU A 176 23.02 16.63 21.40
N PHE A 177 22.05 16.50 22.30
CA PHE A 177 21.16 15.33 22.35
C PHE A 177 19.93 15.70 21.57
N SER A 178 19.84 15.21 20.33
CA SER A 178 18.95 15.78 19.32
C SER A 178 17.74 14.89 18.98
N CYS A 179 17.65 13.72 19.61
CA CYS A 179 16.59 12.74 19.37
C CYS A 179 16.38 12.51 17.87
N ASP A 180 15.19 12.79 17.32
CA ASP A 180 14.91 12.52 15.90
C ASP A 180 15.78 13.32 14.96
N VAL A 181 16.14 14.53 15.37
CA VAL A 181 16.92 15.41 14.51
C VAL A 181 18.33 14.85 14.34
N GLY A 182 18.67 14.42 13.12
CA GLY A 182 19.90 13.71 12.90
C GLY A 182 19.75 12.20 12.97
N GLY A 183 18.52 11.72 13.15
CA GLY A 183 18.32 10.27 13.18
C GLY A 183 18.44 9.63 11.80
N GLY A 184 18.53 8.31 11.77
CA GLY A 184 18.46 7.58 10.52
C GLY A 184 18.02 6.14 10.76
N TYR A 185 17.55 5.46 9.72
CA TYR A 185 17.30 4.02 9.81
C TYR A 185 18.65 3.28 9.73
N LEU A 186 18.59 1.95 9.78
CA LEU A 186 19.75 1.03 9.73
C LEU A 186 20.32 0.77 11.12
N LEU A 187 20.89 -0.42 11.30
CA LEU A 187 21.56 -0.81 12.54
C LEU A 187 23.04 -0.87 12.24
N PRO A 188 23.75 0.24 12.45
CA PRO A 188 25.17 0.30 12.05
C PRO A 188 26.04 -0.66 12.86
N GLU A 189 27.16 -1.06 12.28
CA GLU A 189 28.02 -2.06 12.90
C GLU A 189 28.85 -1.45 14.01
N ILE A 190 28.84 -0.13 14.12
CA ILE A 190 29.51 0.58 15.22
C ILE A 190 28.60 1.68 15.74
N LEU A 191 29.04 2.36 16.80
CA LEU A 191 28.21 3.37 17.45
C LEU A 191 28.23 4.70 16.70
N ASP A 192 29.38 5.02 16.13
CA ASP A 192 29.68 6.40 15.79
C ASP A 192 30.25 6.63 14.41
N ASP A 193 30.55 7.89 14.11
CA ASP A 193 30.99 8.29 12.77
C ASP A 193 32.50 8.24 12.53
N SER A 194 33.18 7.27 13.15
CA SER A 194 34.65 7.19 13.08
C SER A 194 35.16 6.46 11.84
N ASN A 195 34.32 5.60 11.27
CA ASN A 195 34.69 4.83 10.09
C ASN A 195 34.01 5.39 8.84
N GLU A 196 34.82 5.83 7.86
CA GLU A 196 34.27 6.38 6.62
C GLU A 196 33.36 5.46 5.81
N SER A 197 33.72 4.18 5.70
CA SER A 197 32.90 3.22 4.97
C SER A 197 31.53 3.04 5.62
N VAL A 198 31.53 2.99 6.95
CA VAL A 198 30.29 2.90 7.72
C VAL A 198 29.40 4.11 7.42
N VAL A 199 29.98 5.32 7.54
CA VAL A 199 29.27 6.56 7.24
C VAL A 199 28.64 6.57 5.82
N GLU A 200 29.42 6.20 4.79
CA GLU A 200 28.91 6.19 3.41
C GLU A 200 27.75 5.22 3.19
N ARG A 201 27.81 4.07 3.84
CA ARG A 201 26.73 3.09 3.72
CA ARG A 201 26.74 3.06 3.78
C ARG A 201 25.49 3.51 4.53
N TYR A 202 25.71 4.27 5.59
CA TYR A 202 24.63 4.72 6.47
C TYR A 202 23.80 5.87 5.89
N LEU A 203 24.48 6.80 5.22
CA LEU A 203 23.79 8.02 4.77
C LEU A 203 22.52 7.83 3.91
N PRO A 204 22.49 6.85 2.98
CA PRO A 204 21.23 6.65 2.25
C PRO A 204 20.04 6.27 3.16
N HIS A 205 20.35 5.62 4.27
CA HIS A 205 19.30 5.26 5.22
C HIS A 205 18.89 6.46 6.09
N VAL A 206 19.77 7.44 6.17
CA VAL A 206 19.42 8.72 6.77
C VAL A 206 18.44 9.46 5.84
N THR A 207 18.76 9.48 4.56
CA THR A 207 17.84 10.06 3.57
C THR A 207 16.44 9.45 3.69
N LYS A 208 16.39 8.13 3.77
CA LYS A 208 15.13 7.42 3.82
C LYS A 208 14.35 7.83 5.07
N TYR A 209 15.05 8.01 6.18
CA TYR A 209 14.41 8.44 7.42
C TYR A 209 13.88 9.87 7.29
N ILE A 210 14.70 10.77 6.74
CA ILE A 210 14.30 12.17 6.62
C ILE A 210 13.00 12.27 5.79
N VAL A 211 12.99 11.64 4.63
CA VAL A 211 11.85 11.78 3.71
C VAL A 211 10.61 11.16 4.33
N THR A 212 10.72 9.95 4.87
CA THR A 212 9.54 9.29 5.44
C THR A 212 9.00 9.91 6.73
N VAL A 213 9.89 10.29 7.66
CA VAL A 213 9.47 10.80 8.95
C VAL A 213 9.28 12.32 8.95
N ILE A 214 10.16 13.04 8.26
CA ILE A 214 10.22 14.50 8.38
C ILE A 214 9.86 15.20 7.07
N GLY A 215 9.73 14.44 5.98
CA GLY A 215 9.58 15.04 4.67
C GLY A 215 8.49 16.09 4.47
N HIS A 216 7.36 15.92 5.16
CA HIS A 216 6.25 16.88 5.02
C HIS A 216 6.70 18.25 5.56
N TYR A 217 7.64 18.22 6.49
CA TYR A 217 8.13 19.43 7.16
C TYR A 217 9.54 19.78 6.72
N LYS A 218 9.92 19.38 5.50
CA LYS A 218 11.30 19.54 5.06
C LYS A 218 11.79 21.00 5.09
N ASN A 219 10.88 21.95 4.92
N ASN A 219 10.86 21.94 4.92
CA ASN A 219 11.30 23.35 5.00
CA ASN A 219 11.23 23.35 5.03
C ASN A 219 11.57 23.81 6.44
C ASN A 219 11.69 23.71 6.42
N TYR A 220 11.21 22.98 7.42
CA TYR A 220 11.58 23.26 8.80
C TYR A 220 12.98 22.73 9.12
N ILE A 221 13.47 21.79 8.32
CA ILE A 221 14.85 21.29 8.47
C ILE A 221 15.84 22.42 8.24
N LEU A 222 15.57 23.19 7.20
CA LEU A 222 16.36 24.37 6.89
C LEU A 222 16.36 25.37 8.07
N GLU A 223 15.18 25.67 8.60
CA GLU A 223 15.02 26.51 9.80
C GLU A 223 15.86 25.97 10.94
N GLY A 224 15.65 24.69 11.23
CA GLY A 224 16.27 24.04 12.37
C GLY A 224 17.78 23.95 12.30
N ALA A 225 18.30 23.61 11.13
CA ALA A 225 19.74 23.54 10.95
C ALA A 225 20.37 24.91 11.22
N GLU A 226 19.69 25.97 10.80
CA GLU A 226 20.16 27.35 10.96
C GLU A 226 20.11 27.76 12.41
N LYS A 227 19.10 27.26 13.10
CA LYS A 227 18.97 27.55 14.51
C LYS A 227 20.07 26.85 15.30
N LEU A 228 20.36 25.61 14.93
CA LEU A 228 21.34 24.79 15.66
C LEU A 228 22.77 25.25 15.36
N SER A 229 22.94 25.86 14.18
CA SER A 229 24.23 26.35 13.67
C SER A 229 24.84 27.40 14.57
N SER A 230 23.98 28.11 15.29
CA SER A 230 24.41 29.19 16.14
CA SER A 230 24.38 29.19 16.17
C SER A 230 25.07 28.67 17.43
N LEU A 231 24.86 27.39 17.73
CA LEU A 231 25.44 26.77 18.92
C LEU A 231 26.78 26.18 18.53
N LYS A 232 27.71 26.18 19.46
CA LYS A 232 28.94 25.41 19.28
C LYS A 232 28.58 23.93 19.29
N ILE A 233 28.77 23.22 18.18
CA ILE A 233 28.47 21.78 18.16
C ILE A 233 29.73 20.94 18.05
N LYS A 234 30.04 20.20 19.10
CA LYS A 234 31.19 19.31 19.10
C LYS A 234 30.77 17.88 18.75
N ALA A 235 29.52 17.55 19.02
CA ALA A 235 29.01 16.21 18.71
C ALA A 235 27.49 16.22 18.68
N LEU A 236 26.93 15.37 17.85
CA LEU A 236 25.48 15.23 17.73
C LEU A 236 25.12 13.78 18.06
N LEU A 237 24.21 13.63 19.02
CA LEU A 237 23.86 12.33 19.58
C LEU A 237 22.35 12.15 19.40
N PRO A 238 21.94 11.59 18.26
CA PRO A 238 20.50 11.44 17.95
C PRO A 238 19.83 10.23 18.62
N GLY A 239 18.50 10.17 18.53
CA GLY A 239 17.71 9.08 19.08
C GLY A 239 17.69 7.82 18.21
N HIS A 240 18.18 7.92 16.98
CA HIS A 240 18.25 6.77 16.07
C HIS A 240 19.51 6.75 15.26
N GLY A 241 20.11 5.57 15.13
CA GLY A 241 21.25 5.42 14.23
C GLY A 241 22.56 5.87 14.83
N LEU A 242 23.46 6.32 13.96
CA LEU A 242 24.82 6.70 14.36
C LEU A 242 24.94 7.95 15.25
N ILE A 243 25.90 7.93 16.18
CA ILE A 243 26.30 9.12 16.92
C ILE A 243 27.43 9.81 16.16
N TRP A 244 27.40 11.12 16.10
CA TRP A 244 28.38 11.85 15.31
C TRP A 244 29.29 12.64 16.25
N LYS A 245 30.42 12.05 16.61
CA LYS A 245 31.41 12.72 17.45
C LYS A 245 32.48 13.42 16.63
N LYS A 246 32.75 12.90 15.45
CA LYS A 246 33.85 13.41 14.66
C LYS A 246 33.42 14.62 13.82
N ASP A 247 32.39 14.42 13.00
CA ASP A 247 32.03 15.42 12.02
C ASP A 247 30.51 15.61 12.02
N PRO A 248 29.94 16.18 13.10
CA PRO A 248 28.48 16.40 13.11
C PRO A 248 28.03 17.35 12.03
N GLN A 249 28.88 18.25 11.57
CA GLN A 249 28.46 19.13 10.47
C GLN A 249 28.14 18.38 9.18
N ARG A 250 28.81 17.27 8.95
CA ARG A 250 28.56 16.48 7.74
C ARG A 250 27.13 15.95 7.77
N LEU A 251 26.69 15.54 8.96
CA LEU A 251 25.32 15.07 9.13
C LEU A 251 24.34 16.21 8.90
N LEU A 252 24.60 17.37 9.49
CA LEU A 252 23.73 18.54 9.30
C LEU A 252 23.70 18.98 7.83
N ASN A 253 24.84 18.90 7.16
CA ASN A 253 24.90 19.25 5.76
C ASN A 253 24.11 18.26 4.91
N HIS A 254 24.13 16.98 5.29
CA HIS A 254 23.32 15.98 4.60
C HIS A 254 21.82 16.24 4.77
N TYR A 255 21.40 16.57 6.00
CA TYR A 255 20.00 16.90 6.27
C TYR A 255 19.52 18.06 5.40
N VAL A 256 20.34 19.11 5.34
CA VAL A 256 20.01 20.28 4.53
C VAL A 256 20.01 19.94 3.04
N SER A 257 20.97 19.15 2.61
CA SER A 257 21.04 18.76 1.20
CA SER A 257 21.02 18.78 1.21
C SER A 257 19.82 17.93 0.76
N VAL A 258 19.36 17.05 1.63
CA VAL A 258 18.17 16.24 1.35
C VAL A 258 16.93 17.15 1.34
N ALA A 259 16.85 18.05 2.32
CA ALA A 259 15.74 18.99 2.42
C ALA A 259 15.62 19.94 1.22
N LYS A 260 16.76 20.35 0.67
CA LYS A 260 16.76 21.22 -0.50
C LYS A 260 16.61 20.43 -1.80
N GLY A 261 16.82 19.13 -1.72
CA GLY A 261 16.75 18.29 -2.91
C GLY A 261 17.92 18.49 -3.86
N ASP A 262 19.12 18.69 -3.34
CA ASP A 262 20.32 18.78 -4.21
C ASP A 262 20.47 17.53 -5.06
N PRO A 263 20.55 17.69 -6.39
CA PRO A 263 20.51 16.48 -7.23
C PRO A 263 21.88 15.84 -7.47
N LYS A 264 21.83 14.53 -7.68
CA LYS A 264 22.98 13.75 -8.07
C LYS A 264 23.00 13.68 -9.59
N LYS A 265 24.11 14.11 -10.18
CA LYS A 265 24.22 14.13 -11.65
C LYS A 265 23.86 12.79 -12.32
N GLY A 266 22.96 12.87 -13.30
CA GLY A 266 22.58 11.72 -14.08
C GLY A 266 21.46 10.89 -13.48
N LYS A 267 21.06 11.19 -12.24
CA LYS A 267 20.04 10.34 -11.60
C LYS A 267 18.63 10.70 -12.06
N VAL A 268 17.92 9.71 -12.60
CA VAL A 268 16.52 9.89 -12.96
C VAL A 268 15.74 8.73 -12.36
N THR A 269 14.72 9.02 -11.56
CA THR A 269 13.91 7.96 -10.95
C THR A 269 12.62 7.76 -11.74
N VAL A 270 12.40 6.51 -12.17
CA VAL A 270 11.31 6.17 -13.07
C VAL A 270 10.34 5.29 -12.31
N ILE A 271 9.11 5.75 -12.17
CA ILE A 271 8.14 5.08 -11.33
C ILE A 271 6.90 4.80 -12.18
N TYR A 272 6.48 3.55 -12.25
CA TYR A 272 5.32 3.22 -13.09
C TYR A 272 4.53 1.98 -12.64
N ASP A 273 3.24 1.97 -13.00
CA ASP A 273 2.46 0.73 -12.98
C ASP A 273 2.30 0.17 -14.41
N SER A 274 2.40 -1.14 -14.51
CA SER A 274 2.16 -1.82 -15.77
C SER A 274 1.17 -2.91 -15.44
N MET A 275 -0.10 -2.63 -15.71
CA MET A 275 -1.19 -3.53 -15.35
C MET A 275 -1.18 -4.78 -16.22
N TYR A 276 -0.86 -4.63 -17.51
CA TYR A 276 -0.83 -5.75 -18.44
C TYR A 276 0.43 -5.88 -19.28
N GLY A 277 1.34 -4.92 -19.21
CA GLY A 277 2.54 -4.99 -20.03
C GLY A 277 2.69 -3.94 -21.13
N PHE A 278 1.63 -3.18 -21.41
CA PHE A 278 1.76 -2.11 -22.39
C PHE A 278 2.58 -0.93 -21.87
N VAL A 279 2.44 -0.64 -20.58
CA VAL A 279 3.22 0.44 -19.97
C VAL A 279 4.68 0.01 -19.92
N GLU A 280 4.91 -1.22 -19.48
CA GLU A 280 6.24 -1.79 -19.47
C GLU A 280 6.99 -1.61 -20.79
N ASN A 281 6.29 -1.89 -21.88
CA ASN A 281 6.93 -1.87 -23.20
C ASN A 281 7.45 -0.48 -23.52
N VAL A 282 6.64 0.54 -23.24
CA VAL A 282 7.07 1.92 -23.44
C VAL A 282 8.16 2.34 -22.45
N MET A 283 7.98 1.99 -21.17
CA MET A 283 8.93 2.37 -20.13
CA MET A 283 8.94 2.42 -20.16
C MET A 283 10.32 1.76 -20.32
N LYS A 284 10.36 0.52 -20.81
CA LYS A 284 11.64 -0.15 -21.04
C LYS A 284 12.43 0.63 -22.08
N LYS A 285 11.70 1.17 -23.05
CA LYS A 285 12.30 1.97 -24.10
C LYS A 285 12.77 3.33 -23.55
N ALA A 286 11.91 3.98 -22.78
CA ALA A 286 12.28 5.20 -22.08
C ALA A 286 13.56 5.01 -21.26
N ILE A 287 13.66 3.88 -20.56
CA ILE A 287 14.81 3.61 -19.72
C ILE A 287 16.08 3.35 -20.55
N ASP A 288 15.94 2.61 -21.65
CA ASP A 288 17.08 2.36 -22.53
C ASP A 288 17.58 3.67 -23.14
N SER A 289 16.65 4.52 -23.55
CA SER A 289 16.98 5.83 -24.09
C SER A 289 17.80 6.64 -23.09
N LEU A 290 17.35 6.66 -21.83
CA LEU A 290 18.11 7.31 -20.76
C LEU A 290 19.55 6.79 -20.62
N LYS A 291 19.72 5.47 -20.66
CA LYS A 291 21.05 4.89 -20.46
C LYS A 291 21.96 5.27 -21.63
N GLU A 292 21.39 5.28 -22.82
CA GLU A 292 22.07 5.67 -24.07
C GLU A 292 22.61 7.09 -23.96
N LYS A 293 21.87 7.93 -23.25
CA LYS A 293 22.21 9.35 -23.14
C LYS A 293 23.01 9.68 -21.90
N GLY A 294 23.59 8.67 -21.26
CA GLY A 294 24.50 8.90 -20.16
C GLY A 294 23.88 8.89 -18.77
N PHE A 295 22.55 8.89 -18.70
CA PHE A 295 21.85 8.83 -17.41
C PHE A 295 21.90 7.44 -16.77
N THR A 296 21.72 7.43 -15.45
CA THR A 296 21.71 6.21 -14.65
C THR A 296 20.33 6.12 -13.98
N PRO A 297 19.36 5.46 -14.64
CA PRO A 297 18.00 5.37 -14.10
C PRO A 297 17.87 4.52 -12.83
N VAL A 298 16.99 4.95 -11.92
CA VAL A 298 16.58 4.12 -10.80
C VAL A 298 15.10 3.80 -11.04
N VAL A 299 14.75 2.51 -11.04
CA VAL A 299 13.47 2.08 -11.55
C VAL A 299 12.58 1.40 -10.52
N TYR A 300 11.34 1.86 -10.44
CA TYR A 300 10.38 1.28 -9.52
C TYR A 300 9.14 0.94 -10.31
N LYS A 301 8.84 -0.35 -10.39
CA LYS A 301 7.76 -0.80 -11.24
C LYS A 301 6.75 -1.65 -10.44
N PHE A 302 5.48 -1.27 -10.56
CA PHE A 302 4.41 -2.05 -9.95
C PHE A 302 3.90 -2.93 -11.05
N SER A 303 4.10 -4.24 -10.94
CA SER A 303 3.60 -5.14 -11.98
C SER A 303 2.76 -6.24 -11.36
N ASP A 304 2.38 -7.22 -12.16
CA ASP A 304 1.59 -8.31 -11.61
C ASP A 304 2.46 -9.30 -10.82
N GLU A 305 3.77 -9.05 -10.81
CA GLU A 305 4.73 -9.90 -10.10
C GLU A 305 5.58 -9.17 -9.04
N GLU A 306 5.73 -7.85 -9.20
CA GLU A 306 6.60 -7.07 -8.34
C GLU A 306 5.91 -5.83 -7.78
N ARG A 307 6.36 -5.43 -6.60
CA ARG A 307 5.74 -4.34 -5.88
C ARG A 307 6.80 -3.64 -5.02
N PRO A 308 7.27 -2.45 -5.43
CA PRO A 308 8.31 -1.81 -4.62
C PRO A 308 7.79 -1.32 -3.28
N ALA A 309 8.73 -1.10 -2.37
CA ALA A 309 8.45 -0.46 -1.11
C ALA A 309 8.31 1.05 -1.34
N ILE A 310 7.24 1.65 -0.81
CA ILE A 310 7.07 3.09 -0.95
C ILE A 310 8.21 3.87 -0.25
N SER A 311 8.73 3.31 0.84
CA SER A 311 9.82 3.98 1.57
C SER A 311 11.05 4.12 0.68
N GLU A 312 11.24 3.15 -0.23
CA GLU A 312 12.41 3.12 -1.11
C GLU A 312 12.26 4.11 -2.26
N ILE A 313 11.04 4.20 -2.80
CA ILE A 313 10.74 5.24 -3.80
C ILE A 313 11.00 6.64 -3.23
N LEU A 314 10.47 6.89 -2.03
CA LEU A 314 10.58 8.20 -1.40
C LEU A 314 12.03 8.57 -1.15
N LYS A 315 12.81 7.60 -0.70
CA LYS A 315 14.22 7.82 -0.39
C LYS A 315 15.01 8.30 -1.60
N ASP A 316 14.62 7.85 -2.79
CA ASP A 316 15.39 8.22 -3.97
C ASP A 316 14.97 9.54 -4.62
N ILE A 317 13.87 10.14 -4.18
CA ILE A 317 13.40 11.39 -4.80
C ILE A 317 14.33 12.62 -4.62
N PRO A 318 14.78 12.90 -3.38
CA PRO A 318 15.49 14.17 -3.14
C PRO A 318 16.68 14.42 -4.08
N ASP A 319 17.48 13.39 -4.36
CA ASP A 319 18.68 13.64 -5.18
C ASP A 319 18.52 13.25 -6.65
N SER A 320 17.28 12.99 -7.06
CA SER A 320 17.02 12.74 -8.48
C SER A 320 17.12 14.07 -9.20
N GLU A 321 17.75 14.08 -10.37
CA GLU A 321 17.69 15.26 -11.24
C GLU A 321 16.26 15.41 -11.71
N ALA A 322 15.58 14.28 -11.92
CA ALA A 322 14.25 14.28 -12.52
C ALA A 322 13.49 13.00 -12.21
N LEU A 323 12.17 13.05 -12.33
CA LEU A 323 11.32 11.86 -12.23
C LEU A 323 10.60 11.58 -13.55
N ILE A 324 10.30 10.31 -13.80
CA ILE A 324 9.41 9.93 -14.90
C ILE A 324 8.34 9.02 -14.35
N PHE A 325 7.09 9.35 -14.62
CA PHE A 325 5.96 8.51 -14.24
C PHE A 325 5.35 7.81 -15.45
N GLY A 326 5.05 6.52 -15.29
CA GLY A 326 4.29 5.75 -16.26
C GLY A 326 2.97 5.34 -15.63
N VAL A 327 1.85 5.80 -16.20
CA VAL A 327 0.57 5.61 -15.55
C VAL A 327 -0.41 4.77 -16.40
N SER A 328 -0.79 3.61 -15.87
CA SER A 328 -1.88 2.79 -16.39
C SER A 328 -3.20 3.47 -16.09
N THR A 329 -4.10 3.41 -17.05
CA THR A 329 -5.40 4.03 -16.86
C THR A 329 -6.50 3.02 -17.18
N TYR A 330 -6.88 2.95 -18.45
CA TYR A 330 -7.98 2.10 -18.91
C TYR A 330 -9.32 2.52 -18.28
N GLU A 331 -9.84 1.74 -17.33
CA GLU A 331 -11.12 2.07 -16.69
C GLU A 331 -11.11 3.29 -15.74
N ALA A 332 -9.98 3.50 -15.06
CA ALA A 332 -9.84 4.62 -14.13
C ALA A 332 -8.59 5.46 -14.47
N GLU A 333 -8.49 6.66 -13.91
CA GLU A 333 -7.36 7.52 -14.24
C GLU A 333 -6.12 7.15 -13.45
N ILE A 334 -6.33 6.86 -12.16
CA ILE A 334 -5.21 6.50 -11.32
C ILE A 334 -5.50 5.19 -10.58
N HIS A 335 -4.65 4.21 -10.81
N HIS A 335 -4.64 4.22 -10.83
CA HIS A 335 -4.81 2.93 -10.16
CA HIS A 335 -4.70 2.90 -10.22
C HIS A 335 -4.15 2.89 -8.80
C HIS A 335 -4.24 3.02 -8.75
N PRO A 336 -4.72 2.11 -7.87
CA PRO A 336 -4.53 2.30 -6.43
C PRO A 336 -3.08 2.47 -5.98
N LEU A 337 -2.14 1.67 -6.46
CA LEU A 337 -0.76 1.80 -6.00
C LEU A 337 -0.08 3.07 -6.52
N MET A 338 -0.40 3.45 -7.76
N MET A 338 -0.35 3.47 -7.75
CA MET A 338 0.08 4.69 -8.33
CA MET A 338 0.20 4.73 -8.23
C MET A 338 -0.45 5.87 -7.53
C MET A 338 -0.46 5.92 -7.53
N ARG A 339 -1.73 5.81 -7.17
CA ARG A 339 -2.37 6.87 -6.39
C ARG A 339 -1.71 7.01 -5.02
N PHE A 340 -1.50 5.88 -4.35
CA PHE A 340 -0.86 5.88 -3.05
C PHE A 340 0.53 6.52 -3.17
N THR A 341 1.25 6.12 -4.22
CA THR A 341 2.63 6.54 -4.44
C THR A 341 2.69 8.04 -4.73
N LEU A 342 1.82 8.51 -5.63
CA LEU A 342 1.70 9.95 -5.88
C LEU A 342 1.32 10.78 -4.65
N LEU A 343 0.34 10.34 -3.88
CA LEU A 343 -0.08 11.07 -2.71
C LEU A 343 1.06 11.17 -1.68
N GLU A 344 1.82 10.08 -1.52
CA GLU A 344 2.94 10.11 -0.58
C GLU A 344 4.08 10.98 -1.09
N ILE A 345 4.32 10.98 -2.40
CA ILE A 345 5.34 11.86 -2.96
C ILE A 345 4.94 13.31 -2.76
N ILE A 346 3.67 13.59 -3.01
CA ILE A 346 3.14 14.93 -2.77
C ILE A 346 3.33 15.34 -1.28
N ASP A 347 3.08 14.41 -0.38
CA ASP A 347 3.09 14.70 1.06
C ASP A 347 4.51 14.82 1.63
N LYS A 348 5.46 14.07 1.09
CA LYS A 348 6.75 13.90 1.76
C LYS A 348 7.94 14.39 0.94
N ALA A 349 7.76 14.52 -0.36
CA ALA A 349 8.87 14.79 -1.28
C ALA A 349 8.44 15.74 -2.40
N ASN A 350 7.87 16.86 -2.00
CA ASN A 350 7.39 17.86 -2.95
C ASN A 350 8.53 18.80 -3.36
N TYR A 351 9.20 18.50 -4.47
CA TYR A 351 10.39 19.25 -4.88
C TYR A 351 10.18 19.90 -6.23
N GLU A 352 10.91 20.99 -6.46
CA GLU A 352 10.88 21.65 -7.76
C GLU A 352 11.84 20.98 -8.74
N LYS A 353 11.40 19.87 -9.33
CA LYS A 353 12.20 19.09 -10.26
C LYS A 353 11.40 18.84 -11.51
N PRO A 354 12.07 18.69 -12.67
CA PRO A 354 11.36 18.37 -13.91
C PRO A 354 10.88 16.91 -13.93
N VAL A 355 9.83 16.68 -14.70
CA VAL A 355 9.13 15.39 -14.69
C VAL A 355 8.57 15.13 -16.07
N LEU A 356 8.67 13.89 -16.55
CA LEU A 356 7.94 13.44 -17.74
C LEU A 356 6.78 12.58 -17.27
N VAL A 357 5.62 12.75 -17.88
CA VAL A 357 4.52 11.82 -17.64
C VAL A 357 4.24 11.01 -18.91
N PHE A 358 4.17 9.70 -18.76
CA PHE A 358 3.72 8.82 -19.85
C PHE A 358 2.44 8.15 -19.36
N GLY A 359 1.36 8.22 -20.13
CA GLY A 359 0.12 7.62 -19.67
C GLY A 359 -0.74 6.99 -20.75
N VAL A 360 -1.45 5.93 -20.37
CA VAL A 360 -2.43 5.31 -21.25
C VAL A 360 -3.65 6.23 -21.39
N HIS A 361 -4.15 6.40 -22.62
CA HIS A 361 -5.39 7.14 -22.82
C HIS A 361 -6.53 6.14 -22.62
N GLY A 362 -7.18 6.22 -21.46
CA GLY A 362 -8.25 5.31 -21.12
C GLY A 362 -9.64 5.83 -21.46
N TRP A 363 -10.64 5.19 -20.89
CA TRP A 363 -12.01 5.61 -21.06
C TRP A 363 -12.60 5.97 -19.72
N ALA A 364 -11.75 6.42 -18.80
CA ALA A 364 -12.21 6.86 -17.49
C ALA A 364 -13.18 8.03 -17.63
N PRO A 365 -14.14 8.10 -16.69
CA PRO A 365 -15.10 9.21 -16.61
C PRO A 365 -14.35 10.54 -16.53
N SER A 366 -14.85 11.57 -17.22
CA SER A 366 -14.15 12.86 -17.27
C SER A 366 -13.92 13.51 -15.90
N ALA A 367 -14.83 13.28 -14.95
CA ALA A 367 -14.75 13.92 -13.64
C ALA A 367 -13.52 13.46 -12.83
N GLU A 368 -12.92 12.34 -13.24
CA GLU A 368 -11.80 11.78 -12.48
C GLU A 368 -10.52 12.58 -12.67
N ARG A 369 -9.87 12.93 -11.55
CA ARG A 369 -8.56 13.57 -11.56
C ARG A 369 -7.54 12.67 -12.23
N THR A 370 -6.80 13.24 -13.18
CA THR A 370 -5.71 12.51 -13.79
C THR A 370 -4.46 12.62 -12.91
N ALA A 371 -3.50 11.73 -13.16
CA ALA A 371 -2.20 11.81 -12.50
C ALA A 371 -1.55 13.16 -12.78
N GLY A 372 -1.67 13.63 -14.02
CA GLY A 372 -1.16 14.92 -14.42
C GLY A 372 -1.70 16.05 -13.55
N GLU A 373 -3.01 16.12 -13.37
CA GLU A 373 -3.58 17.23 -12.60
C GLU A 373 -3.30 17.14 -11.09
N LEU A 374 -3.05 15.94 -10.58
CA LEU A 374 -2.55 15.83 -9.20
C LEU A 374 -1.16 16.41 -9.12
N LEU A 375 -0.31 16.00 -10.06
CA LEU A 375 1.07 16.49 -10.15
C LEU A 375 1.12 18.00 -10.43
N LYS A 376 0.13 18.51 -11.14
CA LYS A 376 0.13 19.94 -11.50
C LYS A 376 -0.03 20.88 -10.30
N GLU A 377 -0.45 20.35 -9.16
CA GLU A 377 -0.62 21.16 -7.94
C GLU A 377 0.62 21.15 -7.05
N THR A 378 1.68 20.48 -7.50
CA THR A 378 2.89 20.35 -6.71
C THR A 378 3.96 21.27 -7.25
N LYS A 379 5.14 21.23 -6.64
CA LYS A 379 6.28 21.98 -7.13
C LYS A 379 6.93 21.38 -8.38
N PHE A 380 6.57 20.15 -8.71
CA PHE A 380 7.17 19.49 -9.87
C PHE A 380 6.83 20.20 -11.18
N ARG A 381 7.79 20.20 -12.10
CA ARG A 381 7.61 20.84 -13.40
C ARG A 381 7.45 19.79 -14.49
N ILE A 382 6.21 19.52 -14.89
CA ILE A 382 5.94 18.53 -15.93
C ILE A 382 6.31 19.09 -17.29
N LEU A 383 7.31 18.50 -17.92
CA LEU A 383 7.81 18.99 -19.20
C LEU A 383 6.88 18.64 -20.35
N SER A 384 6.36 17.43 -20.31
CA SER A 384 5.49 16.93 -21.37
C SER A 384 4.70 15.70 -20.92
N PHE A 385 3.65 15.42 -21.69
CA PHE A 385 2.84 14.22 -21.54
CA PHE A 385 2.83 14.23 -21.54
C PHE A 385 2.98 13.39 -22.80
N THR A 386 3.24 12.10 -22.62
CA THR A 386 3.36 11.21 -23.76
C THR A 386 2.36 10.06 -23.63
N GLU A 387 1.61 9.80 -24.69
CA GLU A 387 0.58 8.78 -24.62
C GLU A 387 1.20 7.40 -24.81
N ILE A 388 0.81 6.47 -23.95
CA ILE A 388 1.21 5.09 -24.09
C ILE A 388 0.15 4.40 -24.91
N LYS A 389 0.54 3.96 -26.09
CA LYS A 389 -0.37 3.28 -26.99
C LYS A 389 -0.04 1.80 -27.01
N GLY A 390 -0.85 1.02 -27.73
CA GLY A 390 -0.60 -0.39 -27.85
C GLY A 390 0.19 -0.66 -29.11
N SER A 391 -0.45 -1.31 -30.08
CA SER A 391 0.27 -1.77 -31.27
C SER A 391 0.88 -0.65 -32.14
N ASN A 392 0.18 0.47 -32.31
CA ASN A 392 0.70 1.55 -33.16
C ASN A 392 1.49 2.63 -32.42
N MET A 393 2.14 2.26 -31.33
CA MET A 393 2.93 3.22 -30.56
C MET A 393 4.12 3.66 -31.42
N ASP A 394 4.36 4.97 -31.44
CA ASP A 394 5.46 5.56 -32.20
C ASP A 394 6.64 5.78 -31.26
N GLU A 395 7.67 4.95 -31.38
CA GLU A 395 8.80 5.02 -30.46
C GLU A 395 9.56 6.35 -30.53
N ARG A 396 9.33 7.11 -31.60
CA ARG A 396 9.99 8.40 -31.76
C ARG A 396 9.53 9.40 -30.72
N LYS A 397 8.26 9.29 -30.30
CA LYS A 397 7.72 10.17 -29.28
C LYS A 397 8.32 9.90 -27.90
N ILE A 398 8.79 8.68 -27.68
CA ILE A 398 9.47 8.33 -26.44
C ILE A 398 10.82 9.02 -26.42
N GLU A 399 11.55 8.85 -27.53
CA GLU A 399 12.86 9.45 -27.73
C GLU A 399 12.78 10.96 -27.66
N GLU A 400 11.68 11.50 -28.16
CA GLU A 400 11.40 12.92 -28.09
C GLU A 400 11.36 13.40 -26.63
N ALA A 401 10.60 12.71 -25.80
CA ALA A 401 10.48 13.08 -24.40
C ALA A 401 11.80 12.99 -23.65
N ILE A 402 12.58 11.94 -23.89
CA ILE A 402 13.85 11.80 -23.21
C ILE A 402 14.84 12.89 -23.65
N SER A 403 14.81 13.24 -24.94
CA SER A 403 15.66 14.31 -25.44
C SER A 403 15.25 15.66 -24.87
N LEU A 404 13.94 15.85 -24.70
CA LEU A 404 13.43 17.07 -24.11
C LEU A 404 13.96 17.22 -22.68
N LEU A 405 13.98 16.12 -21.95
CA LEU A 405 14.46 16.13 -20.56
C LEU A 405 15.95 16.40 -20.49
N LYS A 406 16.70 15.76 -21.39
CA LYS A 406 18.14 15.91 -21.42
C LYS A 406 18.52 17.37 -21.63
N LYS A 407 17.80 18.04 -22.52
CA LYS A 407 18.05 19.45 -22.83
C LYS A 407 17.73 20.35 -21.63
N GLU A 408 16.62 20.03 -20.96
CA GLU A 408 16.20 20.73 -19.76
C GLU A 408 17.23 20.63 -18.64
N LEU A 409 17.86 19.47 -18.48
CA LEU A 409 18.82 19.26 -17.38
C LEU A 409 20.21 19.76 -17.75
N GLU A 410 20.39 20.10 -19.02
CA GLU A 410 21.70 20.46 -19.54
C GLU A 410 22.21 21.78 -18.95
N HIS B 11 12.32 -28.30 -14.74
CA HIS B 11 11.87 -27.15 -13.97
C HIS B 11 10.35 -27.10 -13.90
N HIS B 12 9.80 -26.50 -12.84
CA HIS B 12 8.35 -26.37 -12.67
C HIS B 12 7.71 -25.59 -13.82
N MET B 13 6.58 -26.09 -14.28
CA MET B 13 5.78 -25.40 -15.29
C MET B 13 4.36 -25.24 -14.80
N PRO B 14 3.72 -24.11 -15.15
CA PRO B 14 2.32 -23.97 -14.73
C PRO B 14 1.47 -25.09 -15.30
N LYS B 15 0.53 -25.57 -14.50
CA LYS B 15 -0.29 -26.69 -14.91
C LYS B 15 -1.32 -26.29 -15.97
N ILE B 16 -1.46 -27.15 -16.97
CA ILE B 16 -2.43 -26.95 -18.04
C ILE B 16 -3.43 -28.09 -18.07
N TRP B 17 -4.70 -27.75 -18.22
CA TRP B 17 -5.73 -28.77 -18.38
C TRP B 17 -6.31 -28.63 -19.77
N THR B 18 -6.44 -29.75 -20.47
CA THR B 18 -7.19 -29.74 -21.71
C THR B 18 -8.11 -30.93 -21.64
N GLU B 19 -9.40 -30.69 -21.72
CA GLU B 19 -10.35 -31.76 -21.52
C GLU B 19 -11.65 -31.50 -22.28
N ARG B 20 -12.21 -32.54 -22.86
CA ARG B 20 -13.52 -32.41 -23.48
C ARG B 20 -14.57 -32.42 -22.36
N ILE B 21 -15.40 -31.38 -22.32
CA ILE B 21 -16.33 -31.22 -21.20
C ILE B 21 -17.80 -31.34 -21.62
N PHE B 22 -18.06 -31.29 -22.92
CA PHE B 22 -19.37 -31.64 -23.45
C PHE B 22 -19.19 -32.51 -24.70
N ASP B 23 -20.19 -33.31 -25.01
CA ASP B 23 -20.13 -34.13 -26.21
C ASP B 23 -20.92 -33.51 -27.35
N ASP B 24 -22.10 -33.00 -27.05
CA ASP B 24 -22.89 -32.28 -28.03
C ASP B 24 -23.45 -30.99 -27.46
N PRO B 25 -22.92 -29.83 -27.90
CA PRO B 25 -21.80 -29.69 -28.85
C PRO B 25 -20.49 -30.21 -28.26
N GLU B 26 -19.54 -30.50 -29.12
CA GLU B 26 -18.26 -31.00 -28.68
C GLU B 26 -17.47 -29.79 -28.22
N ILE B 27 -17.30 -29.67 -26.90
CA ILE B 27 -16.65 -28.52 -26.28
C ILE B 27 -15.45 -28.93 -25.44
N TYR B 28 -14.34 -28.19 -25.60
CA TYR B 28 -13.14 -28.41 -24.83
C TYR B 28 -12.83 -27.17 -24.00
N VAL B 29 -12.31 -27.36 -22.80
CA VAL B 29 -11.67 -26.26 -22.07
C VAL B 29 -10.17 -26.40 -22.21
N LEU B 30 -9.51 -25.25 -22.35
CA LEU B 30 -8.07 -25.16 -22.23
C LEU B 30 -7.84 -24.20 -21.08
N ARG B 31 -7.30 -24.72 -19.99
CA ARG B 31 -7.14 -23.96 -18.75
C ARG B 31 -5.67 -23.95 -18.34
N ILE B 32 -5.13 -22.76 -18.09
CA ILE B 32 -3.79 -22.71 -17.51
C ILE B 32 -3.88 -22.14 -16.09
N ASP B 33 -3.15 -22.75 -15.17
CA ASP B 33 -3.18 -22.32 -13.77
C ASP B 33 -2.00 -21.40 -13.53
N ASP B 34 -2.28 -20.10 -13.48
CA ASP B 34 -1.20 -19.13 -13.31
C ASP B 34 -0.74 -19.08 -11.85
N ASP B 35 0.38 -19.75 -11.57
CA ASP B 35 0.95 -19.70 -10.23
C ASP B 35 2.20 -18.80 -10.13
N ARG B 36 2.44 -18.01 -11.18
CA ARG B 36 3.53 -17.03 -11.16
C ARG B 36 3.03 -15.66 -10.72
N ILE B 37 1.83 -15.30 -11.17
CA ILE B 37 1.26 -13.99 -10.87
C ILE B 37 1.12 -13.79 -9.34
N ARG B 38 1.34 -12.57 -8.86
CA ARG B 38 1.16 -12.28 -7.45
C ARG B 38 0.12 -11.22 -7.19
N TYR B 39 -0.02 -10.30 -8.15
CA TYR B 39 -0.93 -9.17 -7.99
C TYR B 39 -1.81 -9.06 -9.21
N PHE B 40 -3.09 -9.39 -9.05
CA PHE B 40 -3.97 -9.34 -10.19
C PHE B 40 -4.20 -7.88 -10.57
N GLU B 41 -4.13 -7.59 -11.86
CA GLU B 41 -4.20 -6.23 -12.38
C GLU B 41 -3.11 -5.36 -11.74
N ALA B 42 -2.03 -6.00 -11.28
CA ALA B 42 -0.90 -5.34 -10.61
C ALA B 42 -1.24 -4.73 -9.24
N VAL B 43 -2.38 -5.12 -8.68
CA VAL B 43 -2.78 -4.58 -7.38
C VAL B 43 -3.29 -5.62 -6.38
N TRP B 44 -4.16 -6.53 -6.81
CA TRP B 44 -4.83 -7.42 -5.84
C TRP B 44 -4.01 -8.64 -5.46
N GLU B 45 -3.64 -8.70 -4.19
CA GLU B 45 -2.85 -9.81 -3.66
C GLU B 45 -3.56 -11.15 -3.84
N ILE B 46 -2.97 -12.01 -4.67
CA ILE B 46 -3.55 -13.34 -4.94
C ILE B 46 -2.51 -14.46 -4.84
N PRO B 47 -2.01 -14.73 -3.62
CA PRO B 47 -1.12 -15.89 -3.47
C PRO B 47 -1.74 -17.23 -3.90
N GLU B 48 -3.07 -17.32 -3.95
CA GLU B 48 -3.77 -18.52 -4.36
C GLU B 48 -3.77 -18.66 -5.88
N GLY B 49 -3.32 -17.62 -6.58
CA GLY B 49 -3.30 -17.68 -8.04
C GLY B 49 -4.65 -17.54 -8.74
N ILE B 50 -4.61 -17.67 -10.06
CA ILE B 50 -5.80 -17.53 -10.88
C ILE B 50 -5.59 -18.34 -12.17
N SER B 51 -6.67 -18.93 -12.69
CA SER B 51 -6.61 -19.69 -13.94
C SER B 51 -7.13 -18.83 -15.09
N TYR B 52 -6.63 -19.11 -16.29
CA TYR B 52 -7.21 -18.59 -17.56
C TYR B 52 -7.83 -19.74 -18.34
N ASN B 53 -9.13 -19.61 -18.63
CA ASN B 53 -9.92 -20.65 -19.27
C ASN B 53 -10.40 -20.16 -20.63
N ALA B 54 -9.95 -20.85 -21.68
CA ALA B 54 -10.47 -20.67 -23.04
C ALA B 54 -11.20 -21.94 -23.48
N TYR B 55 -11.98 -21.84 -24.55
CA TYR B 55 -12.82 -22.96 -24.99
C TYR B 55 -12.78 -23.14 -26.49
N LEU B 56 -12.85 -24.40 -26.91
CA LEU B 56 -12.93 -24.74 -28.33
C LEU B 56 -14.19 -25.53 -28.55
N VAL B 57 -15.02 -25.08 -29.49
CA VAL B 57 -16.26 -25.75 -29.81
C VAL B 57 -16.05 -26.31 -31.21
N LYS B 58 -16.02 -27.63 -31.33
CA LYS B 58 -15.86 -28.30 -32.64
C LYS B 58 -17.21 -28.68 -33.22
N LEU B 59 -17.53 -28.06 -34.34
CA LEU B 59 -18.85 -28.16 -34.91
C LEU B 59 -18.81 -28.72 -36.34
N ASN B 60 -19.98 -28.83 -36.94
CA ASN B 60 -20.08 -29.34 -38.29
C ASN B 60 -19.82 -28.26 -39.33
N GLY B 61 -18.58 -28.20 -39.83
CA GLY B 61 -18.19 -27.15 -40.76
C GLY B 61 -17.57 -25.91 -40.13
N ALA B 62 -17.34 -25.93 -38.82
CA ALA B 62 -16.68 -24.81 -38.14
C ALA B 62 -15.96 -25.28 -36.88
N ASN B 63 -14.91 -24.55 -36.53
CA ASN B 63 -14.30 -24.72 -35.22
C ASN B 63 -14.16 -23.33 -34.61
N VAL B 64 -14.72 -23.18 -33.40
CA VAL B 64 -14.87 -21.88 -32.79
C VAL B 64 -14.06 -21.81 -31.52
N LEU B 65 -13.03 -20.98 -31.52
CA LEU B 65 -12.28 -20.69 -30.30
C LEU B 65 -12.98 -19.58 -29.53
N ILE B 66 -13.11 -19.74 -28.22
CA ILE B 66 -13.75 -18.71 -27.43
C ILE B 66 -12.75 -18.23 -26.37
N ASP B 67 -12.35 -16.96 -26.51
CA ASP B 67 -11.35 -16.31 -25.64
C ASP B 67 -9.99 -16.99 -25.72
N GLY B 68 -9.10 -16.72 -24.76
CA GLY B 68 -7.74 -17.22 -24.81
C GLY B 68 -7.03 -17.10 -23.48
N TRP B 69 -5.71 -17.02 -23.52
CA TRP B 69 -4.89 -16.89 -22.31
C TRP B 69 -4.08 -15.59 -22.28
N LYS B 70 -3.49 -15.34 -21.11
CA LYS B 70 -2.62 -14.18 -20.91
C LYS B 70 -1.39 -14.27 -21.81
N GLY B 71 -0.87 -13.12 -22.21
CA GLY B 71 0.12 -13.09 -23.28
C GLY B 71 1.43 -13.78 -22.99
N ASN B 72 1.83 -13.82 -21.72
CA ASN B 72 3.08 -14.51 -21.36
C ASN B 72 2.99 -16.03 -21.50
N TYR B 73 1.78 -16.53 -21.77
CA TYR B 73 1.53 -17.95 -21.98
C TYR B 73 1.05 -18.25 -23.40
N ALA B 74 1.32 -17.33 -24.33
CA ALA B 74 0.93 -17.50 -25.72
C ALA B 74 1.46 -18.79 -26.34
N LYS B 75 2.72 -19.09 -26.09
CA LYS B 75 3.31 -20.29 -26.67
C LYS B 75 2.69 -21.55 -26.07
N GLU B 76 2.45 -21.53 -24.75
CA GLU B 76 1.83 -22.67 -24.10
C GLU B 76 0.40 -22.85 -24.63
N PHE B 77 -0.26 -21.73 -24.92
CA PHE B 77 -1.62 -21.77 -25.45
C PHE B 77 -1.68 -22.43 -26.84
N ILE B 78 -0.85 -21.98 -27.76
CA ILE B 78 -0.82 -22.58 -29.10
C ILE B 78 -0.51 -24.07 -29.03
N ASP B 79 0.48 -24.44 -28.22
CA ASP B 79 0.85 -25.86 -28.05
CA ASP B 79 0.84 -25.84 -28.09
C ASP B 79 -0.33 -26.68 -27.55
N ALA B 80 -1.04 -26.14 -26.55
CA ALA B 80 -2.19 -26.84 -25.97
C ALA B 80 -3.31 -26.95 -27.00
N LEU B 81 -3.60 -25.85 -27.68
CA LEU B 81 -4.67 -25.82 -28.68
C LEU B 81 -4.39 -26.81 -29.81
N SER B 82 -3.14 -26.86 -30.23
CA SER B 82 -2.74 -27.73 -31.36
C SER B 82 -2.94 -29.22 -31.06
N LYS B 83 -3.12 -29.55 -29.79
CA LYS B 83 -3.31 -30.95 -29.43
C LYS B 83 -4.75 -31.42 -29.62
N ILE B 84 -5.68 -30.48 -29.74
CA ILE B 84 -7.09 -30.83 -29.92
C ILE B 84 -7.67 -30.42 -31.27
N VAL B 85 -6.93 -29.59 -31.99
CA VAL B 85 -7.35 -29.20 -33.33
C VAL B 85 -6.16 -28.63 -34.09
N ASP B 86 -6.13 -28.87 -35.41
CA ASP B 86 -5.17 -28.19 -36.27
C ASP B 86 -5.59 -26.74 -36.31
N PRO B 87 -4.71 -25.83 -35.87
CA PRO B 87 -5.10 -24.41 -35.85
C PRO B 87 -5.61 -23.90 -37.21
N LYS B 88 -5.10 -24.43 -38.33
CA LYS B 88 -5.55 -24.01 -39.67
C LYS B 88 -7.03 -24.28 -39.93
N GLU B 89 -7.61 -25.18 -39.14
CA GLU B 89 -9.01 -25.53 -39.28
C GLU B 89 -9.94 -24.66 -38.45
N ILE B 90 -9.38 -23.69 -37.75
CA ILE B 90 -10.21 -22.78 -36.98
C ILE B 90 -10.87 -21.78 -37.91
N THR B 91 -12.13 -21.47 -37.64
CA THR B 91 -12.92 -20.64 -38.53
C THR B 91 -13.48 -19.39 -37.88
N HIS B 92 -13.60 -19.40 -36.54
CA HIS B 92 -14.19 -18.28 -35.82
C HIS B 92 -13.46 -18.16 -34.50
N ILE B 93 -13.30 -16.93 -34.02
CA ILE B 93 -12.81 -16.65 -32.67
C ILE B 93 -13.79 -15.66 -32.04
N ILE B 94 -14.39 -16.06 -30.92
CA ILE B 94 -15.31 -15.19 -30.19
C ILE B 94 -14.54 -14.59 -29.02
N VAL B 95 -14.61 -13.27 -28.93
CA VAL B 95 -13.89 -12.49 -27.90
C VAL B 95 -14.94 -11.85 -27.02
N ASN B 96 -15.23 -12.49 -25.90
CA ASN B 96 -16.19 -11.94 -24.93
C ASN B 96 -15.73 -10.64 -24.27
N HIS B 97 -14.42 -10.46 -24.19
CA HIS B 97 -13.82 -9.39 -23.41
C HIS B 97 -12.37 -9.30 -23.89
N THR B 98 -11.83 -8.09 -24.03
CA THR B 98 -10.53 -7.92 -24.64
C THR B 98 -9.37 -7.74 -23.65
N GLU B 99 -9.65 -7.78 -22.36
CA GLU B 99 -8.57 -7.60 -21.39
C GLU B 99 -7.48 -8.64 -21.65
N PRO B 100 -6.21 -8.22 -21.56
CA PRO B 100 -5.07 -9.08 -21.95
C PRO B 100 -4.95 -10.42 -21.23
N ASP B 101 -5.64 -10.62 -20.11
CA ASP B 101 -5.57 -11.92 -19.46
C ASP B 101 -6.34 -12.96 -20.25
N ALA B 102 -7.27 -12.48 -21.08
CA ALA B 102 -8.06 -13.33 -21.95
C ALA B 102 -7.60 -13.20 -23.40
N SER B 103 -7.05 -12.04 -23.77
CA SER B 103 -6.78 -11.80 -25.19
C SER B 103 -5.31 -11.76 -25.57
N GLY B 104 -4.41 -11.87 -24.59
CA GLY B 104 -2.98 -11.81 -24.86
C GLY B 104 -2.45 -12.82 -25.86
N SER B 105 -3.13 -13.96 -25.94
CA SER B 105 -2.72 -15.04 -26.83
C SER B 105 -3.24 -14.83 -28.26
N LEU B 106 -4.10 -13.83 -28.44
CA LEU B 106 -4.79 -13.66 -29.73
C LEU B 106 -3.85 -13.39 -30.92
N PRO B 107 -2.90 -12.46 -30.79
CA PRO B 107 -1.97 -12.30 -31.92
C PRO B 107 -1.24 -13.57 -32.35
N ALA B 108 -0.64 -14.31 -31.42
CA ALA B 108 0.03 -15.57 -31.77
C ALA B 108 -0.96 -16.59 -32.38
N THR B 109 -2.18 -16.59 -31.88
CA THR B 109 -3.20 -17.53 -32.38
C THR B 109 -3.52 -17.24 -33.84
N LEU B 110 -3.75 -15.97 -34.14
CA LEU B 110 -4.01 -15.53 -35.53
C LEU B 110 -2.87 -15.87 -36.47
N LYS B 111 -1.64 -15.64 -36.01
CA LYS B 111 -0.48 -16.00 -36.82
C LYS B 111 -0.41 -17.50 -37.09
N THR B 112 -0.60 -18.29 -36.04
CA THR B 112 -0.55 -19.75 -36.16
C THR B 112 -1.65 -20.30 -37.08
N ILE B 113 -2.84 -19.70 -37.03
CA ILE B 113 -3.96 -20.12 -37.88
C ILE B 113 -3.59 -19.88 -39.35
N GLY B 114 -2.97 -18.75 -39.63
CA GLY B 114 -2.30 -18.54 -40.90
C GLY B 114 -3.22 -18.13 -42.03
N HIS B 115 -4.48 -17.90 -41.69
CA HIS B 115 -5.43 -17.37 -42.65
C HIS B 115 -6.51 -16.61 -41.93
N ASP B 116 -7.31 -15.86 -42.68
CA ASP B 116 -8.35 -15.04 -42.07
C ASP B 116 -9.38 -15.89 -41.34
N VAL B 117 -9.86 -15.40 -40.19
CA VAL B 117 -10.97 -16.03 -39.48
C VAL B 117 -11.98 -14.94 -39.15
N GLU B 118 -13.21 -15.31 -38.87
CA GLU B 118 -14.15 -14.32 -38.36
C GLU B 118 -13.93 -14.12 -36.85
N ILE B 119 -13.46 -12.94 -36.49
CA ILE B 119 -13.38 -12.55 -35.09
C ILE B 119 -14.66 -11.81 -34.71
N ILE B 120 -15.31 -12.27 -33.64
CA ILE B 120 -16.56 -11.67 -33.20
C ILE B 120 -16.38 -11.02 -31.84
N ALA B 121 -16.79 -9.75 -31.69
CA ALA B 121 -16.71 -9.06 -30.41
C ALA B 121 -17.82 -8.02 -30.34
N SER B 122 -17.94 -7.37 -29.18
CA SER B 122 -18.87 -6.26 -29.02
C SER B 122 -18.30 -5.04 -29.74
N ASN B 123 -19.09 -3.96 -29.75
CA ASN B 123 -18.65 -2.73 -30.41
C ASN B 123 -17.38 -2.18 -29.74
N PHE B 124 -17.43 -2.00 -28.42
CA PHE B 124 -16.25 -1.50 -27.72
C PHE B 124 -15.13 -2.52 -27.81
N GLY B 125 -15.49 -3.80 -27.89
CA GLY B 125 -14.51 -4.85 -28.10
C GLY B 125 -13.66 -4.65 -29.34
N LYS B 126 -14.33 -4.44 -30.48
CA LYS B 126 -13.63 -4.19 -31.73
C LYS B 126 -12.66 -2.99 -31.63
N ARG B 127 -13.11 -1.91 -31.01
CA ARG B 127 -12.26 -0.74 -30.79
C ARG B 127 -11.02 -1.11 -29.98
N LEU B 128 -11.22 -1.87 -28.90
CA LEU B 128 -10.10 -2.27 -28.05
C LEU B 128 -9.17 -3.26 -28.76
N LEU B 129 -9.72 -4.17 -29.55
CA LEU B 129 -8.87 -5.08 -30.33
C LEU B 129 -7.94 -4.31 -31.26
N GLU B 130 -8.47 -3.24 -31.86
CA GLU B 130 -7.63 -2.41 -32.72
C GLU B 130 -6.56 -1.66 -31.91
N GLY B 131 -6.97 -1.07 -30.80
CA GLY B 131 -6.05 -0.32 -29.95
C GLY B 131 -4.93 -1.19 -29.38
N PHE B 132 -5.27 -2.37 -28.89
CA PHE B 132 -4.26 -3.25 -28.29
C PHE B 132 -3.33 -3.86 -29.32
N TYR B 133 -3.90 -4.35 -30.42
CA TYR B 133 -3.20 -5.29 -31.29
C TYR B 133 -3.22 -4.94 -32.77
N GLY B 134 -3.89 -3.85 -33.12
CA GLY B 134 -3.97 -3.45 -34.51
C GLY B 134 -4.88 -4.34 -35.34
N ILE B 135 -5.74 -5.10 -34.66
CA ILE B 135 -6.71 -5.96 -35.37
C ILE B 135 -7.90 -5.13 -35.80
N LYS B 136 -8.17 -5.09 -37.11
CA LYS B 136 -9.20 -4.18 -37.61
C LYS B 136 -10.43 -4.93 -38.18
N ASP B 137 -10.22 -6.16 -38.62
CA ASP B 137 -11.33 -6.91 -39.19
C ASP B 137 -12.05 -7.75 -38.15
N VAL B 138 -13.08 -7.17 -37.57
CA VAL B 138 -13.84 -7.77 -36.48
C VAL B 138 -15.34 -7.56 -36.73
N THR B 139 -16.10 -8.64 -36.60
CA THR B 139 -17.55 -8.57 -36.69
C THR B 139 -18.13 -8.15 -35.35
N VAL B 140 -18.84 -7.02 -35.36
CA VAL B 140 -19.52 -6.55 -34.17
C VAL B 140 -20.89 -7.20 -34.05
N VAL B 141 -21.14 -7.79 -32.89
CA VAL B 141 -22.47 -8.32 -32.61
C VAL B 141 -23.22 -7.42 -31.64
N LYS B 142 -24.53 -7.33 -31.82
CA LYS B 142 -25.37 -6.47 -31.00
C LYS B 142 -26.05 -7.27 -29.90
N ASP B 143 -26.63 -6.55 -28.94
CA ASP B 143 -27.29 -7.19 -27.81
C ASP B 143 -28.43 -8.06 -28.31
N GLY B 144 -28.32 -9.37 -28.04
CA GLY B 144 -29.38 -10.33 -28.33
C GLY B 144 -29.27 -10.92 -29.72
N GLU B 145 -28.28 -10.45 -30.49
CA GLU B 145 -28.07 -10.96 -31.83
C GLU B 145 -27.75 -12.46 -31.79
N GLU B 146 -28.28 -13.17 -32.77
CA GLU B 146 -28.06 -14.61 -32.88
C GLU B 146 -27.32 -14.86 -34.18
N ARG B 147 -26.43 -15.84 -34.18
CA ARG B 147 -25.64 -16.20 -35.35
C ARG B 147 -25.65 -17.70 -35.55
N GLU B 148 -25.99 -18.16 -36.77
CA GLU B 148 -25.88 -19.57 -37.07
C GLU B 148 -24.45 -19.91 -37.46
N ILE B 149 -23.83 -20.81 -36.72
CA ILE B 149 -22.45 -21.20 -37.00
C ILE B 149 -22.26 -22.71 -36.81
N GLY B 150 -21.76 -23.37 -37.86
CA GLY B 150 -21.50 -24.80 -37.78
C GLY B 150 -22.72 -25.65 -37.44
N GLY B 151 -23.91 -25.16 -37.78
CA GLY B 151 -25.14 -25.89 -37.54
C GLY B 151 -25.79 -25.63 -36.19
N LYS B 152 -25.20 -24.70 -35.42
CA LYS B 152 -25.75 -24.32 -34.11
C LYS B 152 -26.07 -22.82 -34.02
N LYS B 153 -27.01 -22.47 -33.16
CA LYS B 153 -27.37 -21.09 -32.91
C LYS B 153 -26.60 -20.51 -31.74
N PHE B 154 -25.79 -19.48 -31.99
CA PHE B 154 -25.08 -18.76 -30.92
C PHE B 154 -25.79 -17.45 -30.62
N LYS B 155 -26.08 -17.20 -29.35
CA LYS B 155 -26.71 -15.95 -28.95
C LYS B 155 -25.75 -15.06 -28.15
N PHE B 156 -25.67 -13.79 -28.52
CA PHE B 156 -24.74 -12.88 -27.83
C PHE B 156 -25.50 -11.88 -26.95
N VAL B 157 -25.07 -11.76 -25.69
CA VAL B 157 -25.70 -10.87 -24.73
C VAL B 157 -24.69 -9.88 -24.14
N MET B 158 -24.97 -8.59 -24.29
CA MET B 158 -24.06 -7.57 -23.77
C MET B 158 -24.25 -7.44 -22.27
N THR B 159 -23.14 -7.51 -21.54
CA THR B 159 -23.16 -7.31 -20.10
C THR B 159 -22.13 -6.26 -19.75
N PRO B 160 -22.36 -5.01 -20.20
CA PRO B 160 -21.31 -4.00 -20.06
C PRO B 160 -21.02 -3.72 -18.60
N TRP B 161 -19.82 -3.23 -18.33
CA TRP B 161 -19.39 -2.87 -16.99
C TRP B 161 -19.29 -4.06 -16.05
N LEU B 162 -19.13 -5.25 -16.62
CA LEU B 162 -18.78 -6.44 -15.86
C LEU B 162 -17.47 -7.02 -16.36
N HIS B 163 -16.39 -6.22 -16.40
CA HIS B 163 -16.24 -4.98 -15.65
C HIS B 163 -15.76 -3.88 -16.58
N TRP B 164 -15.81 -4.15 -17.88
CA TRP B 164 -15.41 -3.18 -18.91
C TRP B 164 -16.61 -2.95 -19.83
N PRO B 165 -16.59 -1.87 -20.62
CA PRO B 165 -17.74 -1.65 -21.51
C PRO B 165 -17.81 -2.61 -22.70
N ASP B 166 -16.74 -3.36 -22.97
CA ASP B 166 -16.72 -4.31 -24.08
C ASP B 166 -17.32 -5.68 -23.71
N THR B 167 -17.62 -5.89 -22.43
CA THR B 167 -17.97 -7.23 -21.94
C THR B 167 -19.28 -7.80 -22.46
N MET B 168 -19.21 -9.01 -23.01
CA MET B 168 -20.40 -9.75 -23.38
C MET B 168 -20.28 -11.21 -22.98
N VAL B 169 -21.39 -11.95 -23.08
CA VAL B 169 -21.39 -13.39 -22.86
C VAL B 169 -22.02 -14.12 -24.06
N THR B 170 -21.62 -15.36 -24.23
CA THR B 170 -22.02 -16.12 -25.41
C THR B 170 -22.84 -17.34 -24.99
N TYR B 171 -24.06 -17.43 -25.54
CA TYR B 171 -25.00 -18.50 -25.20
C TYR B 171 -25.09 -19.50 -26.34
N LEU B 172 -24.91 -20.77 -26.00
CA LEU B 172 -24.93 -21.84 -26.98
C LEU B 172 -25.77 -22.99 -26.42
N ASP B 173 -27.06 -23.01 -26.76
CA ASP B 173 -27.93 -24.12 -26.36
C ASP B 173 -27.90 -24.41 -24.86
N GLY B 174 -28.01 -23.37 -24.05
CA GLY B 174 -28.01 -23.48 -22.59
C GLY B 174 -26.64 -23.38 -21.93
N ILE B 175 -25.58 -23.42 -22.72
CA ILE B 175 -24.22 -23.34 -22.19
C ILE B 175 -23.72 -21.91 -22.36
N LEU B 176 -23.39 -21.28 -21.23
CA LEU B 176 -22.95 -19.89 -21.24
C LEU B 176 -21.44 -19.78 -21.04
N PHE B 177 -20.76 -19.29 -22.06
CA PHE B 177 -19.37 -18.90 -22.02
C PHE B 177 -19.34 -17.46 -21.52
N SER B 178 -19.01 -17.28 -20.24
CA SER B 178 -19.21 -15.97 -19.61
C SER B 178 -17.94 -15.16 -19.30
N CYS B 179 -16.77 -15.72 -19.62
CA CYS B 179 -15.49 -15.07 -19.34
C CYS B 179 -15.44 -14.56 -17.88
N ASP B 180 -15.22 -13.26 -17.67
CA ASP B 180 -15.16 -12.71 -16.29
C ASP B 180 -16.40 -12.95 -15.45
N VAL B 181 -17.56 -12.96 -16.08
CA VAL B 181 -18.80 -13.10 -15.33
C VAL B 181 -18.87 -14.51 -14.76
N GLY B 182 -18.73 -14.63 -13.45
CA GLY B 182 -18.74 -15.95 -12.83
C GLY B 182 -17.36 -16.52 -12.57
N GLY B 183 -16.33 -15.76 -12.88
CA GLY B 183 -14.96 -16.19 -12.56
C GLY B 183 -14.61 -16.05 -11.09
N GLY B 184 -13.43 -16.54 -10.74
CA GLY B 184 -12.96 -16.46 -9.38
C GLY B 184 -11.46 -16.66 -9.34
N TYR B 185 -10.83 -16.20 -8.27
CA TYR B 185 -9.44 -16.55 -8.01
C TYR B 185 -9.38 -17.98 -7.51
N LEU B 186 -8.16 -18.42 -7.18
CA LEU B 186 -7.86 -19.80 -6.79
C LEU B 186 -7.66 -20.74 -7.99
N LEU B 187 -6.76 -21.70 -7.81
CA LEU B 187 -6.56 -22.78 -8.78
C LEU B 187 -7.24 -24.01 -8.21
N PRO B 188 -8.49 -24.26 -8.60
CA PRO B 188 -9.25 -25.35 -7.96
C PRO B 188 -8.67 -26.73 -8.27
N GLU B 189 -8.85 -27.66 -7.33
CA GLU B 189 -8.30 -29.02 -7.47
C GLU B 189 -8.90 -29.86 -8.59
N ILE B 190 -10.06 -29.44 -9.09
CA ILE B 190 -10.74 -30.11 -10.19
C ILE B 190 -11.29 -29.07 -11.17
N LEU B 191 -11.81 -29.52 -12.30
CA LEU B 191 -12.29 -28.60 -13.33
C LEU B 191 -13.62 -27.95 -12.97
N ASP B 192 -14.50 -28.72 -12.36
CA ASP B 192 -15.91 -28.34 -12.29
C ASP B 192 -16.51 -28.38 -10.88
N ASP B 193 -17.82 -28.15 -10.79
CA ASP B 193 -18.49 -28.00 -9.49
C ASP B 193 -19.04 -29.33 -8.95
N SER B 194 -18.28 -30.40 -9.16
CA SER B 194 -18.76 -31.76 -8.87
C SER B 194 -18.39 -32.23 -7.47
N ASN B 195 -17.61 -31.44 -6.76
CA ASN B 195 -17.25 -31.74 -5.38
C ASN B 195 -17.66 -30.62 -4.42
N GLU B 196 -18.49 -30.95 -3.43
CA GLU B 196 -18.98 -29.95 -2.46
C GLU B 196 -17.89 -29.19 -1.71
N SER B 197 -16.94 -29.90 -1.12
CA SER B 197 -15.89 -29.25 -0.35
CA SER B 197 -15.88 -29.25 -0.35
C SER B 197 -15.01 -28.36 -1.24
N VAL B 198 -14.83 -28.76 -2.50
CA VAL B 198 -14.07 -27.93 -3.43
C VAL B 198 -14.85 -26.65 -3.66
N VAL B 199 -16.16 -26.78 -3.90
CA VAL B 199 -17.04 -25.63 -4.09
C VAL B 199 -17.06 -24.71 -2.86
N GLU B 200 -17.21 -25.27 -1.67
CA GLU B 200 -17.15 -24.47 -0.44
C GLU B 200 -15.86 -23.66 -0.27
N ARG B 201 -14.71 -24.28 -0.48
CA ARG B 201 -13.42 -23.62 -0.36
C ARG B 201 -13.27 -22.52 -1.42
N TYR B 202 -13.89 -22.75 -2.56
CA TYR B 202 -13.72 -21.88 -3.72
C TYR B 202 -14.52 -20.57 -3.65
N LEU B 203 -15.73 -20.64 -3.13
CA LEU B 203 -16.63 -19.48 -3.11
C LEU B 203 -16.08 -18.17 -2.48
N PRO B 204 -15.32 -18.26 -1.37
CA PRO B 204 -14.75 -17.02 -0.82
C PRO B 204 -13.77 -16.37 -1.81
N HIS B 205 -13.15 -17.21 -2.64
CA HIS B 205 -12.22 -16.70 -3.64
C HIS B 205 -12.98 -16.07 -4.82
N VAL B 206 -14.20 -16.54 -5.03
CA VAL B 206 -15.12 -15.87 -5.94
C VAL B 206 -15.50 -14.50 -5.40
N THR B 207 -15.86 -14.43 -4.11
CA THR B 207 -16.18 -13.14 -3.50
C THR B 207 -15.01 -12.16 -3.64
N LYS B 208 -13.81 -12.63 -3.34
CA LYS B 208 -12.59 -11.81 -3.45
C LYS B 208 -12.45 -11.26 -4.87
N TYR B 209 -12.70 -12.12 -5.85
CA TYR B 209 -12.67 -11.73 -7.27
C TYR B 209 -13.76 -10.69 -7.59
N ILE B 210 -15.00 -10.97 -7.17
CA ILE B 210 -16.08 -10.02 -7.41
C ILE B 210 -15.75 -8.61 -6.88
N VAL B 211 -15.39 -8.51 -5.60
CA VAL B 211 -15.18 -7.19 -5.01
C VAL B 211 -14.01 -6.46 -5.69
N THR B 212 -12.91 -7.18 -5.88
CA THR B 212 -11.70 -6.53 -6.40
C THR B 212 -11.84 -6.10 -7.86
N VAL B 213 -12.39 -6.97 -8.68
CA VAL B 213 -12.46 -6.73 -10.13
C VAL B 213 -13.74 -6.03 -10.55
N ILE B 214 -14.88 -6.47 -10.00
CA ILE B 214 -16.16 -5.96 -10.44
C ILE B 214 -16.84 -5.04 -9.42
N GLY B 215 -16.30 -4.99 -8.19
CA GLY B 215 -16.94 -4.29 -7.09
C GLY B 215 -17.49 -2.88 -7.33
N HIS B 216 -16.76 -2.07 -8.08
CA HIS B 216 -17.18 -0.70 -8.34
C HIS B 216 -18.49 -0.70 -9.13
N TYR B 217 -18.68 -1.74 -9.94
CA TYR B 217 -19.84 -1.85 -10.82
C TYR B 217 -20.83 -2.90 -10.33
N LYS B 218 -20.87 -3.12 -9.01
CA LYS B 218 -21.67 -4.22 -8.48
C LYS B 218 -23.16 -4.12 -8.84
N ASN B 219 -23.66 -2.90 -9.00
CA ASN B 219 -25.04 -2.68 -9.45
C ASN B 219 -25.33 -3.35 -10.80
N TYR B 220 -24.32 -3.41 -11.66
CA TYR B 220 -24.49 -4.02 -12.98
C TYR B 220 -24.52 -5.55 -12.92
N ILE B 221 -24.07 -6.11 -11.81
CA ILE B 221 -24.19 -7.54 -11.60
C ILE B 221 -25.66 -7.87 -11.49
N LEU B 222 -26.36 -7.08 -10.69
CA LEU B 222 -27.79 -7.27 -10.47
C LEU B 222 -28.54 -7.09 -11.79
N GLU B 223 -28.15 -6.09 -12.57
CA GLU B 223 -28.75 -5.87 -13.88
C GLU B 223 -28.46 -7.04 -14.81
N GLY B 224 -27.20 -7.49 -14.82
CA GLY B 224 -26.79 -8.61 -15.64
C GLY B 224 -27.51 -9.90 -15.25
N ALA B 225 -27.71 -10.10 -13.95
CA ALA B 225 -28.40 -11.30 -13.45
C ALA B 225 -29.84 -11.43 -13.95
N GLU B 226 -30.59 -10.32 -13.94
CA GLU B 226 -31.97 -10.39 -14.38
C GLU B 226 -32.09 -10.39 -15.90
N LYS B 227 -31.01 -10.00 -16.58
CA LYS B 227 -30.98 -10.01 -18.04
C LYS B 227 -30.79 -11.44 -18.50
N LEU B 228 -29.91 -12.17 -17.81
CA LEU B 228 -29.67 -13.56 -18.14
C LEU B 228 -30.80 -14.45 -17.67
N SER B 229 -31.71 -13.87 -16.91
CA SER B 229 -32.79 -14.63 -16.28
C SER B 229 -33.79 -15.17 -17.30
N SER B 230 -33.86 -14.54 -18.46
CA SER B 230 -34.74 -14.99 -19.52
C SER B 230 -34.13 -16.16 -20.30
N LEU B 231 -32.89 -16.51 -19.99
CA LEU B 231 -32.21 -17.63 -20.63
C LEU B 231 -32.10 -18.83 -19.71
N LYS B 232 -32.35 -20.02 -20.24
CA LYS B 232 -32.22 -21.26 -19.48
C LYS B 232 -30.75 -21.66 -19.44
N ILE B 233 -30.12 -21.49 -18.29
CA ILE B 233 -28.70 -21.81 -18.21
C ILE B 233 -28.50 -23.19 -17.61
N LYS B 234 -27.99 -24.11 -18.41
CA LYS B 234 -27.68 -25.43 -17.87
C LYS B 234 -26.22 -25.55 -17.46
N ALA B 235 -25.36 -24.65 -17.94
CA ALA B 235 -23.95 -24.67 -17.55
C ALA B 235 -23.31 -23.30 -17.70
N LEU B 236 -22.40 -22.98 -16.79
CA LEU B 236 -21.72 -21.71 -16.82
C LEU B 236 -20.20 -21.95 -16.93
N LEU B 237 -19.61 -21.46 -18.01
CA LEU B 237 -18.21 -21.70 -18.35
C LEU B 237 -17.48 -20.37 -18.35
N PRO B 238 -16.91 -19.99 -17.19
CA PRO B 238 -16.30 -18.66 -17.12
C PRO B 238 -14.82 -18.67 -17.46
N GLY B 239 -14.25 -17.47 -17.51
CA GLY B 239 -12.88 -17.30 -17.97
C GLY B 239 -11.86 -17.51 -16.85
N HIS B 240 -12.32 -17.62 -15.62
CA HIS B 240 -11.41 -17.94 -14.52
C HIS B 240 -12.04 -18.93 -13.57
N GLY B 241 -11.25 -19.89 -13.09
CA GLY B 241 -11.69 -20.72 -11.99
C GLY B 241 -12.58 -21.85 -12.44
N LEU B 242 -13.54 -22.21 -11.59
CA LEU B 242 -14.33 -23.42 -11.74
C LEU B 242 -15.36 -23.33 -12.88
N ILE B 243 -15.57 -24.44 -13.56
CA ILE B 243 -16.70 -24.57 -14.47
C ILE B 243 -17.92 -25.11 -13.73
N TRP B 244 -19.10 -24.57 -14.01
CA TRP B 244 -20.32 -24.96 -13.30
C TRP B 244 -21.29 -25.72 -14.20
N LYS B 245 -21.30 -27.05 -14.05
CA LYS B 245 -22.16 -27.91 -14.86
C LYS B 245 -23.30 -28.50 -14.04
N LYS B 246 -23.08 -28.69 -12.74
CA LYS B 246 -24.07 -29.36 -11.91
C LYS B 246 -25.10 -28.35 -11.41
N ASP B 247 -24.61 -27.23 -10.89
CA ASP B 247 -25.48 -26.26 -10.24
C ASP B 247 -25.00 -24.84 -10.52
N PRO B 248 -25.11 -24.40 -11.78
CA PRO B 248 -24.71 -23.01 -12.08
C PRO B 248 -25.56 -21.97 -11.34
N GLN B 249 -26.77 -22.37 -10.92
CA GLN B 249 -27.63 -21.47 -10.15
C GLN B 249 -26.97 -21.01 -8.87
N ARG B 250 -26.33 -21.94 -8.18
CA ARG B 250 -25.61 -21.66 -6.96
C ARG B 250 -24.55 -20.56 -7.15
N LEU B 251 -23.83 -20.62 -8.26
CA LEU B 251 -22.84 -19.59 -8.59
C LEU B 251 -23.51 -18.23 -8.86
N LEU B 252 -24.62 -18.26 -9.61
CA LEU B 252 -25.37 -17.04 -9.89
C LEU B 252 -25.94 -16.41 -8.62
N ASN B 253 -26.43 -17.24 -7.71
CA ASN B 253 -26.97 -16.73 -6.45
C ASN B 253 -25.88 -16.11 -5.60
N HIS B 254 -24.70 -16.69 -5.70
CA HIS B 254 -23.57 -16.17 -4.94
C HIS B 254 -23.19 -14.78 -5.45
N TYR B 255 -23.12 -14.63 -6.76
CA TYR B 255 -22.81 -13.36 -7.38
C TYR B 255 -23.78 -12.28 -6.94
N VAL B 256 -25.07 -12.63 -6.96
CA VAL B 256 -26.10 -11.70 -6.58
C VAL B 256 -26.04 -11.33 -5.10
N SER B 257 -25.84 -12.33 -4.25
CA SER B 257 -25.80 -12.12 -2.82
C SER B 257 -24.62 -11.20 -2.44
N VAL B 258 -23.48 -11.39 -3.11
CA VAL B 258 -22.33 -10.51 -2.87
C VAL B 258 -22.63 -9.09 -3.33
N ALA B 259 -23.21 -8.96 -4.52
CA ALA B 259 -23.58 -7.65 -5.07
C ALA B 259 -24.58 -6.91 -4.18
N LYS B 260 -25.51 -7.65 -3.58
CA LYS B 260 -26.47 -7.05 -2.64
C LYS B 260 -25.86 -6.81 -1.27
N GLY B 261 -24.82 -7.57 -0.95
CA GLY B 261 -24.19 -7.46 0.36
C GLY B 261 -25.00 -8.16 1.44
N ASP B 262 -25.63 -9.28 1.10
CA ASP B 262 -26.36 -10.06 2.10
C ASP B 262 -25.42 -10.49 3.21
N PRO B 263 -25.80 -10.19 4.48
CA PRO B 263 -24.78 -10.37 5.52
C PRO B 263 -24.85 -11.74 6.18
N LYS B 264 -23.74 -12.15 6.76
CA LYS B 264 -23.71 -13.31 7.63
C LYS B 264 -23.93 -12.86 9.07
N LYS B 265 -24.99 -13.36 9.68
CA LYS B 265 -25.33 -12.94 11.05
C LYS B 265 -24.15 -13.19 11.98
N GLY B 266 -23.82 -12.18 12.77
CA GLY B 266 -22.70 -12.23 13.70
C GLY B 266 -21.35 -11.78 13.15
N LYS B 267 -21.27 -11.56 11.84
CA LYS B 267 -20.00 -11.13 11.24
C LYS B 267 -19.81 -9.62 11.32
N VAL B 268 -18.74 -9.20 11.99
CA VAL B 268 -18.30 -7.80 12.03
C VAL B 268 -16.83 -7.76 11.63
N THR B 269 -16.50 -6.95 10.63
CA THR B 269 -15.10 -6.81 10.22
C THR B 269 -14.48 -5.55 10.85
N VAL B 270 -13.38 -5.74 11.56
CA VAL B 270 -12.72 -4.70 12.35
C VAL B 270 -11.39 -4.36 11.72
N ILE B 271 -11.24 -3.10 11.31
CA ILE B 271 -10.08 -2.69 10.54
C ILE B 271 -9.42 -1.48 11.17
N TYR B 272 -8.14 -1.59 11.49
CA TYR B 272 -7.49 -0.48 12.17
C TYR B 272 -5.99 -0.45 11.97
N ASP B 273 -5.41 0.71 12.24
CA ASP B 273 -3.98 0.86 12.32
C ASP B 273 -3.63 1.18 13.76
N SER B 274 -2.52 0.62 14.24
CA SER B 274 -2.03 1.00 15.55
C SER B 274 -0.57 1.34 15.37
N MET B 275 -0.29 2.64 15.43
CA MET B 275 1.07 3.15 15.28
C MET B 275 1.93 2.79 16.51
N TYR B 276 1.39 2.90 17.73
CA TYR B 276 2.17 2.56 18.95
CA TYR B 276 2.15 2.64 18.98
C TYR B 276 1.45 1.80 20.07
N GLY B 277 0.29 1.21 19.78
CA GLY B 277 -0.38 0.43 20.80
C GLY B 277 -1.57 1.08 21.49
N PHE B 278 -1.74 2.37 21.31
CA PHE B 278 -2.91 3.04 21.86
C PHE B 278 -4.20 2.67 21.16
N VAL B 279 -4.17 2.62 19.82
CA VAL B 279 -5.35 2.18 19.10
C VAL B 279 -5.61 0.71 19.43
N GLU B 280 -4.53 -0.08 19.46
CA GLU B 280 -4.62 -1.51 19.79
C GLU B 280 -5.37 -1.76 21.09
N ASN B 281 -5.11 -0.93 22.09
CA ASN B 281 -5.70 -1.15 23.41
C ASN B 281 -7.19 -0.92 23.41
N VAL B 282 -7.64 0.09 22.68
CA VAL B 282 -9.06 0.35 22.52
C VAL B 282 -9.72 -0.74 21.68
N MET B 283 -9.07 -1.13 20.58
CA MET B 283 -9.68 -2.12 19.70
CA MET B 283 -9.63 -2.15 19.68
C MET B 283 -9.75 -3.52 20.34
N LYS B 284 -8.79 -3.83 21.22
CA LYS B 284 -8.79 -5.13 21.90
C LYS B 284 -10.02 -5.26 22.79
N LYS B 285 -10.37 -4.19 23.48
CA LYS B 285 -11.57 -4.14 24.30
C LYS B 285 -12.85 -4.19 23.44
N ALA B 286 -12.82 -3.48 22.31
CA ALA B 286 -13.94 -3.52 21.35
C ALA B 286 -14.16 -4.95 20.84
N ILE B 287 -13.09 -5.59 20.39
CA ILE B 287 -13.17 -6.95 19.87
C ILE B 287 -13.66 -7.93 20.95
N ASP B 288 -13.14 -7.77 22.16
CA ASP B 288 -13.57 -8.61 23.28
C ASP B 288 -15.06 -8.44 23.56
N SER B 289 -15.51 -7.20 23.56
CA SER B 289 -16.91 -6.89 23.80
C SER B 289 -17.81 -7.52 22.73
N LEU B 290 -17.35 -7.52 21.47
CA LEU B 290 -18.08 -8.18 20.39
C LEU B 290 -18.22 -9.68 20.63
N LYS B 291 -17.11 -10.30 21.01
CA LYS B 291 -17.10 -11.74 21.25
C LYS B 291 -18.03 -12.13 22.40
N GLU B 292 -18.00 -11.36 23.48
CA GLU B 292 -18.86 -11.65 24.62
C GLU B 292 -20.35 -11.50 24.26
N LYS B 293 -20.65 -10.68 23.25
CA LYS B 293 -22.03 -10.49 22.81
C LYS B 293 -22.45 -11.47 21.71
N GLY B 294 -21.56 -12.41 21.39
CA GLY B 294 -21.88 -13.48 20.45
C GLY B 294 -21.57 -13.19 18.99
N PHE B 295 -20.84 -12.11 18.72
CA PHE B 295 -20.36 -11.85 17.36
C PHE B 295 -19.11 -12.64 17.08
N THR B 296 -18.78 -12.77 15.80
CA THR B 296 -17.55 -13.42 15.37
C THR B 296 -16.78 -12.44 14.50
N PRO B 297 -15.89 -11.64 15.11
CA PRO B 297 -15.15 -10.59 14.41
C PRO B 297 -14.10 -11.16 13.48
N VAL B 298 -13.89 -10.48 12.36
CA VAL B 298 -12.76 -10.74 11.49
C VAL B 298 -11.89 -9.48 11.61
N VAL B 299 -10.60 -9.65 11.91
CA VAL B 299 -9.77 -8.53 12.34
C VAL B 299 -8.60 -8.26 11.39
N TYR B 300 -8.45 -7.00 11.00
CA TYR B 300 -7.36 -6.58 10.12
C TYR B 300 -6.59 -5.44 10.78
N LYS B 301 -5.34 -5.71 11.16
CA LYS B 301 -4.54 -4.73 11.91
C LYS B 301 -3.32 -4.31 11.09
N PHE B 302 -3.20 -3.00 10.88
CA PHE B 302 -1.96 -2.43 10.33
C PHE B 302 -1.11 -2.03 11.50
N SER B 303 -0.03 -2.76 11.74
CA SER B 303 0.84 -2.39 12.86
C SER B 303 2.28 -2.26 12.39
N ASP B 304 3.20 -2.05 13.33
CA ASP B 304 4.59 -1.93 12.93
C ASP B 304 5.27 -3.27 12.58
N GLU B 305 4.51 -4.38 12.62
CA GLU B 305 5.05 -5.67 12.21
C GLU B 305 4.21 -6.37 11.16
N GLU B 306 2.95 -5.98 11.05
CA GLU B 306 1.98 -6.67 10.22
C GLU B 306 1.22 -5.73 9.30
N ARG B 307 0.97 -6.19 8.09
CA ARG B 307 0.27 -5.40 7.07
C ARG B 307 -0.58 -6.29 6.23
N PRO B 308 -1.90 -6.26 6.50
CA PRO B 308 -2.84 -7.10 5.76
C PRO B 308 -2.92 -6.76 4.28
N ALA B 309 -3.34 -7.74 3.50
CA ALA B 309 -3.58 -7.55 2.08
C ALA B 309 -4.93 -6.88 1.89
N ILE B 310 -4.97 -5.83 1.08
CA ILE B 310 -6.21 -5.11 0.81
C ILE B 310 -7.25 -6.02 0.14
N SER B 311 -6.80 -6.98 -0.68
CA SER B 311 -7.73 -7.88 -1.33
C SER B 311 -8.46 -8.75 -0.30
N GLU B 312 -7.79 -9.05 0.82
CA GLU B 312 -8.42 -9.86 1.86
C GLU B 312 -9.45 -9.07 2.65
N ILE B 313 -9.10 -7.82 2.97
CA ILE B 313 -10.03 -6.91 3.62
C ILE B 313 -11.30 -6.75 2.74
N LEU B 314 -11.10 -6.51 1.46
CA LEU B 314 -12.23 -6.31 0.55
C LEU B 314 -13.16 -7.53 0.49
N LYS B 315 -12.57 -8.73 0.47
CA LYS B 315 -13.36 -9.94 0.34
C LYS B 315 -14.35 -10.10 1.50
N ASP B 316 -14.00 -9.58 2.67
CA ASP B 316 -14.83 -9.76 3.86
C ASP B 316 -15.90 -8.68 4.06
N ILE B 317 -15.90 -7.65 3.22
CA ILE B 317 -16.89 -6.57 3.38
C ILE B 317 -18.35 -6.99 3.03
N PRO B 318 -18.58 -7.58 1.84
CA PRO B 318 -19.99 -7.80 1.42
C PRO B 318 -20.86 -8.53 2.44
N ASP B 319 -20.33 -9.58 3.08
CA ASP B 319 -21.19 -10.31 4.01
C ASP B 319 -21.00 -9.92 5.48
N SER B 320 -20.35 -8.79 5.74
CA SER B 320 -20.27 -8.29 7.13
C SER B 320 -21.60 -7.64 7.49
N GLU B 321 -22.10 -7.88 8.69
CA GLU B 321 -23.25 -7.11 9.18
C GLU B 321 -22.89 -5.64 9.34
N ALA B 322 -21.63 -5.40 9.71
CA ALA B 322 -21.16 -4.07 10.03
C ALA B 322 -19.64 -4.04 9.96
N LEU B 323 -19.08 -2.84 9.91
CA LEU B 323 -17.63 -2.63 10.01
C LEU B 323 -17.32 -1.76 11.20
N ILE B 324 -16.11 -1.94 11.72
CA ILE B 324 -15.55 -1.05 12.73
C ILE B 324 -14.17 -0.60 12.28
N PHE B 325 -13.95 0.72 12.32
CA PHE B 325 -12.66 1.31 11.96
C PHE B 325 -11.98 1.91 13.19
N GLY B 326 -10.69 1.62 13.36
CA GLY B 326 -9.87 2.26 14.39
C GLY B 326 -8.80 3.07 13.68
N VAL B 327 -8.74 4.37 13.95
CA VAL B 327 -7.95 5.26 13.10
C VAL B 327 -6.99 6.13 13.92
N SER B 328 -5.70 6.05 13.59
N SER B 328 -5.71 6.13 13.55
CA SER B 328 -4.69 6.91 14.22
CA SER B 328 -4.74 7.07 14.11
C SER B 328 -4.68 8.25 13.55
C SER B 328 -4.67 8.32 13.25
N THR B 329 -4.39 9.28 14.32
N THR B 329 -4.54 9.48 13.90
CA THR B 329 -4.30 10.61 13.78
CA THR B 329 -4.29 10.72 13.17
C THR B 329 -2.95 11.23 14.13
C THR B 329 -2.84 10.75 12.75
N TYR B 330 -2.83 11.71 15.37
N TYR B 330 -2.55 11.37 11.61
CA TYR B 330 -1.65 12.45 15.83
CA TYR B 330 -1.19 11.40 11.07
C TYR B 330 -1.35 13.62 14.89
C TYR B 330 -0.98 12.69 10.31
N GLU B 331 -0.24 13.55 14.15
N GLU B 331 -0.03 13.49 10.80
CA GLU B 331 0.13 14.66 13.27
CA GLU B 331 0.23 14.82 10.27
C GLU B 331 -0.83 14.84 12.10
C GLU B 331 -1.08 15.56 10.16
N ALA B 332 -1.35 13.74 11.58
N ALA B 332 -1.45 15.91 8.94
CA ALA B 332 -2.24 13.75 10.42
CA ALA B 332 -2.66 16.70 8.75
C ALA B 332 -3.67 13.40 10.82
C ALA B 332 -3.91 15.85 8.52
N GLU B 333 -4.62 13.49 9.89
N GLU B 333 -3.73 14.58 8.21
CA GLU B 333 -5.98 13.05 10.19
CA GLU B 333 -4.84 13.73 7.80
C GLU B 333 -6.23 11.59 9.82
C GLU B 333 -4.93 12.49 8.67
N ILE B 334 -5.55 11.10 8.81
N ILE B 334 -5.29 11.38 8.07
CA ILE B 334 -5.74 9.71 8.41
CA ILE B 334 -5.27 10.14 8.82
C ILE B 334 -4.44 9.02 8.07
C ILE B 334 -4.15 9.26 8.31
N HIS B 335 -4.04 8.09 8.94
N HIS B 335 -3.86 8.20 9.06
CA HIS B 335 -2.90 7.20 8.68
CA HIS B 335 -2.83 7.22 8.73
C HIS B 335 -2.99 6.70 7.25
C HIS B 335 -2.98 6.73 7.29
N PRO B 336 -1.90 6.86 6.48
CA PRO B 336 -1.89 6.51 5.06
C PRO B 336 -2.46 5.14 4.67
N LEU B 337 -2.22 4.13 5.49
CA LEU B 337 -2.71 2.79 5.18
C LEU B 337 -4.22 2.70 5.40
N MET B 338 -4.72 3.42 6.38
CA MET B 338 -6.17 3.49 6.57
C MET B 338 -6.83 4.36 5.50
N ARG B 339 -6.12 5.41 5.06
CA ARG B 339 -6.61 6.19 3.91
C ARG B 339 -6.78 5.30 2.68
N PHE B 340 -5.72 4.57 2.34
CA PHE B 340 -5.73 3.68 1.20
C PHE B 340 -6.87 2.69 1.32
N THR B 341 -7.02 2.12 2.51
CA THR B 341 -8.02 1.10 2.76
C THR B 341 -9.45 1.65 2.64
N LEU B 342 -9.69 2.80 3.26
CA LEU B 342 -11.00 3.47 3.13
C LEU B 342 -11.33 3.77 1.68
N LEU B 343 -10.39 4.33 0.95
CA LEU B 343 -10.63 4.65 -0.45
C LEU B 343 -11.00 3.44 -1.30
N GLU B 344 -10.37 2.30 -1.03
CA GLU B 344 -10.68 1.08 -1.77
C GLU B 344 -12.04 0.47 -1.39
N ILE B 345 -12.34 0.47 -0.10
CA ILE B 345 -13.65 0.01 0.36
C ILE B 345 -14.77 0.86 -0.25
N ILE B 346 -14.57 2.17 -0.27
CA ILE B 346 -15.53 3.08 -0.90
C ILE B 346 -15.68 2.81 -2.39
N ASP B 347 -14.54 2.61 -3.07
CA ASP B 347 -14.53 2.34 -4.50
C ASP B 347 -15.14 0.99 -4.90
N LYS B 348 -14.86 -0.05 -4.11
CA LYS B 348 -15.17 -1.42 -4.52
C LYS B 348 -16.29 -2.06 -3.70
N ALA B 349 -16.54 -1.54 -2.50
CA ALA B 349 -17.48 -2.19 -1.57
C ALA B 349 -18.37 -1.17 -0.88
N ASN B 350 -19.04 -0.35 -1.68
CA ASN B 350 -19.86 0.73 -1.16
C ASN B 350 -21.25 0.19 -0.82
N TYR B 351 -21.43 -0.23 0.43
CA TYR B 351 -22.64 -0.92 0.83
C TYR B 351 -23.38 -0.14 1.90
N GLU B 352 -24.69 -0.38 1.97
CA GLU B 352 -25.54 0.26 2.96
C GLU B 352 -25.47 -0.52 4.28
N LYS B 353 -24.40 -0.33 5.02
CA LYS B 353 -24.18 -1.06 6.26
C LYS B 353 -23.79 -0.07 7.34
N PRO B 354 -24.04 -0.44 8.62
CA PRO B 354 -23.63 0.40 9.75
C PRO B 354 -22.14 0.26 10.10
N VAL B 355 -21.58 1.32 10.66
CA VAL B 355 -20.16 1.42 10.95
C VAL B 355 -19.98 2.09 12.30
N LEU B 356 -18.99 1.63 13.06
CA LEU B 356 -18.50 2.39 14.19
C LEU B 356 -17.13 2.96 13.85
N VAL B 357 -16.87 4.20 14.23
CA VAL B 357 -15.52 4.74 14.09
C VAL B 357 -14.95 5.02 15.47
N PHE B 358 -13.71 4.58 15.70
CA PHE B 358 -12.96 4.94 16.89
C PHE B 358 -11.72 5.69 16.38
N GLY B 359 -11.43 6.86 16.92
CA GLY B 359 -10.33 7.63 16.38
C GLY B 359 -9.55 8.41 17.41
N VAL B 360 -8.22 8.45 17.23
CA VAL B 360 -7.37 9.25 18.10
C VAL B 360 -7.58 10.73 17.81
N HIS B 361 -7.54 11.55 18.87
CA HIS B 361 -7.62 12.99 18.74
C HIS B 361 -6.23 13.54 18.43
N GLY B 362 -6.07 14.11 17.24
CA GLY B 362 -4.79 14.65 16.83
C GLY B 362 -4.71 16.15 16.96
N TRP B 363 -3.57 16.70 16.55
CA TRP B 363 -3.38 18.14 16.51
C TRP B 363 -3.33 18.56 15.05
N ALA B 364 -3.94 17.75 14.19
CA ALA B 364 -3.93 18.00 12.75
C ALA B 364 -4.62 19.30 12.36
N PRO B 365 -4.08 19.97 11.32
CA PRO B 365 -4.71 21.12 10.67
C PRO B 365 -6.16 20.84 10.33
N SER B 366 -7.03 21.78 10.70
CA SER B 366 -8.47 21.61 10.57
C SER B 366 -8.89 21.50 9.10
N ALA B 367 -8.01 21.92 8.20
CA ALA B 367 -8.30 21.94 6.78
C ALA B 367 -8.57 20.53 6.24
N GLU B 368 -7.85 19.56 6.75
CA GLU B 368 -7.81 18.24 6.14
C GLU B 368 -8.95 17.27 6.55
N ARG B 369 -9.16 16.26 5.71
CA ARG B 369 -10.33 15.37 5.78
C ARG B 369 -10.21 14.28 6.86
N THR B 370 -11.30 14.01 7.56
CA THR B 370 -11.32 12.91 8.52
C THR B 370 -11.99 11.68 7.92
N ALA B 371 -11.95 10.58 8.67
CA ALA B 371 -12.55 9.33 8.22
C ALA B 371 -14.04 9.50 7.94
N GLY B 372 -14.73 10.20 8.83
CA GLY B 372 -16.15 10.45 8.69
C GLY B 372 -16.51 11.24 7.44
N GLU B 373 -15.68 12.22 7.10
CA GLU B 373 -15.91 13.03 5.93
C GLU B 373 -15.75 12.18 4.67
N LEU B 374 -14.78 11.29 4.69
CA LEU B 374 -14.53 10.38 3.60
C LEU B 374 -15.75 9.50 3.37
N LEU B 375 -16.38 9.10 4.47
CA LEU B 375 -17.51 8.17 4.39
C LEU B 375 -18.84 8.87 4.12
N LYS B 376 -18.82 10.19 4.08
CA LYS B 376 -20.06 10.97 3.97
C LYS B 376 -20.87 10.63 2.71
N GLU B 377 -20.26 10.65 1.54
CA GLU B 377 -21.05 10.40 0.33
C GLU B 377 -21.25 8.93 -0.05
N THR B 378 -20.79 8.05 0.83
CA THR B 378 -20.95 6.62 0.64
C THR B 378 -22.28 6.14 1.23
N LYS B 379 -22.57 4.86 1.04
CA LYS B 379 -23.79 4.25 1.55
C LYS B 379 -23.67 3.83 3.02
N PHE B 380 -22.46 3.85 3.57
CA PHE B 380 -22.28 3.45 4.96
C PHE B 380 -22.89 4.50 5.88
N ARG B 381 -23.40 4.06 7.03
CA ARG B 381 -23.84 5.00 8.05
C ARG B 381 -23.03 4.79 9.32
N ILE B 382 -22.52 5.89 9.85
CA ILE B 382 -21.74 5.84 11.08
C ILE B 382 -22.66 5.99 12.27
N LEU B 383 -22.75 4.93 13.06
CA LEU B 383 -23.65 4.92 14.20
C LEU B 383 -23.14 5.83 15.30
N SER B 384 -21.81 5.85 15.45
CA SER B 384 -21.18 6.72 16.41
C SER B 384 -19.69 6.84 16.15
N PHE B 385 -19.15 7.96 16.63
CA PHE B 385 -17.72 8.18 16.64
C PHE B 385 -17.27 8.21 18.09
N THR B 386 -16.21 7.47 18.37
CA THR B 386 -15.67 7.39 19.72
C THR B 386 -14.19 7.78 19.71
N GLU B 387 -13.81 8.71 20.57
CA GLU B 387 -12.42 9.16 20.66
C GLU B 387 -11.52 8.13 21.36
N ILE B 388 -10.35 7.85 20.77
CA ILE B 388 -9.33 7.00 21.40
C ILE B 388 -8.33 7.84 22.20
N LYS B 389 -8.21 7.54 23.50
CA LYS B 389 -7.31 8.25 24.41
C LYS B 389 -6.27 7.32 25.01
N GLY B 390 -5.19 7.88 25.56
CA GLY B 390 -4.19 7.06 26.21
C GLY B 390 -4.63 6.67 27.61
N SER B 391 -4.00 7.28 28.60
CA SER B 391 -4.43 7.15 29.98
C SER B 391 -5.78 7.83 30.13
N ASN B 392 -6.49 7.53 31.21
CA ASN B 392 -7.83 8.08 31.45
C ASN B 392 -8.87 7.79 30.34
N MET B 393 -8.56 6.84 29.45
CA MET B 393 -9.56 6.42 28.45
C MET B 393 -10.74 5.80 29.18
N ASP B 394 -11.93 6.35 28.94
CA ASP B 394 -13.16 5.84 29.55
C ASP B 394 -13.67 4.62 28.78
N GLU B 395 -13.39 3.44 29.31
CA GLU B 395 -13.76 2.19 28.66
C GLU B 395 -15.28 2.01 28.50
N ARG B 396 -16.07 2.75 29.27
CA ARG B 396 -17.52 2.70 29.16
C ARG B 396 -18.02 3.19 27.80
N LYS B 397 -17.21 4.00 27.13
CA LYS B 397 -17.61 4.56 25.84
C LYS B 397 -17.52 3.49 24.77
N ILE B 398 -16.61 2.56 24.97
CA ILE B 398 -16.36 1.47 24.04
C ILE B 398 -17.47 0.45 24.18
N GLU B 399 -17.85 0.20 25.44
CA GLU B 399 -18.90 -0.75 25.73
C GLU B 399 -20.21 -0.27 25.14
N GLU B 400 -20.50 1.00 25.30
CA GLU B 400 -21.76 1.53 24.78
C GLU B 400 -21.81 1.58 23.26
N ALA B 401 -20.67 1.81 22.61
CA ALA B 401 -20.61 1.78 21.16
C ALA B 401 -20.97 0.40 20.62
N ILE B 402 -20.36 -0.63 21.20
CA ILE B 402 -20.62 -2.01 20.79
C ILE B 402 -22.07 -2.40 21.06
N SER B 403 -22.58 -2.05 22.24
CA SER B 403 -23.99 -2.29 22.57
C SER B 403 -24.92 -1.59 21.59
N LEU B 404 -24.56 -0.37 21.20
CA LEU B 404 -25.34 0.36 20.21
C LEU B 404 -25.41 -0.40 18.88
N LEU B 405 -24.27 -0.92 18.46
CA LEU B 405 -24.19 -1.69 17.23
C LEU B 405 -25.05 -2.95 17.29
N LYS B 406 -24.97 -3.68 18.40
CA LYS B 406 -25.77 -4.89 18.55
C LYS B 406 -27.25 -4.57 18.38
N LYS B 407 -27.69 -3.50 19.03
CA LYS B 407 -29.09 -3.05 18.95
C LYS B 407 -29.50 -2.73 17.53
N GLU B 408 -28.63 -1.99 16.83
CA GLU B 408 -28.88 -1.58 15.45
C GLU B 408 -29.06 -2.80 14.54
N LEU B 409 -28.42 -3.90 14.89
CA LEU B 409 -28.38 -5.07 14.03
C LEU B 409 -29.51 -6.07 14.28
N GLU B 410 -30.32 -5.83 15.31
CA GLU B 410 -31.43 -6.75 15.59
C GLU B 410 -32.49 -6.71 14.51
CL CL C . -0.25 -1.96 -19.12
FE1 FEO D . 9.44 10.88 16.23
FE2 FEO D . 11.89 8.77 16.85
O FEO D . 10.31 9.64 17.26
CL CL E . -4.21 6.05 -1.16
CL CL F . -1.37 4.00 18.41
FE1 FEO G . -11.31 -8.55 -17.10
FE2 FEO G . -10.41 -11.70 -16.79
O FEO G . -10.41 -10.05 -17.57
#